data_6EC3
#
_entry.id   6EC3
#
_cell.length_a   191.633
_cell.length_b   191.633
_cell.length_c   269.618
_cell.angle_alpha   90.000
_cell.angle_beta   90.000
_cell.angle_gamma   90.000
#
_symmetry.space_group_name_H-M   'I 41 2 2'
#
loop_
_entity.id
_entity.type
_entity.pdbx_description
1 polymer 'Methyltransferase domain-containing protein'
2 non-polymer 'NICKEL (II) ION'
3 non-polymer 2-[BIS-(2-HYDROXY-ETHYL)-AMINO]-2-HYDROXYMETHYL-PROPANE-1,3-DIOL
#
_entity_poly.entity_id   1
_entity_poly.type   'polypeptide(L)'
_entity_poly.pdbx_seq_one_letter_code
;MGSSHHHHHHSSGLVPRGSHMMDRREIQRRAKELEPWVNGFEFEGIRYAEGSDHGYLLSQDPADRARAFYEAFPGATRIL
ELGALEGADTLALARQPGTSILGLEGREENLRRAEFVMEVHGATNVELRIADVETLDFATLGRFDAVLCAGLLYHVREPW
ALLKDAARVSAGIYLSTHYWGSSDGLETLDGYSVKHVREEHPEPQARGLSVDVRWLDRASLFAALENAGFVEIEVLHERT
SAEVCDIVVVGRARLGAQIRRFREDGFVNAGPVFADDTIARLKAGAIDLISRFTEHGHVSDDYWNYDVENEAPVLYRIHN
LEKQDWAERELLFRPELAELAAAFVGSPVVPTAFALVLKEPKRAAGVPWHRDRANVAPHTVCNLSICLDTAGPENGCLEG
VPGSHLLPDDIDVPEIRDGGPRVPVPSKVGDVIVHDVRLVHGSGPNPSDQWRRTIVIEFANPAISLPSLPS
;
_entity_poly.pdbx_strand_id   A,B,C
#
# COMPACT_ATOMS: atom_id res chain seq x y z
N HIS A 8 -12.65 -55.64 -49.44
CA HIS A 8 -11.73 -55.23 -48.39
C HIS A 8 -12.23 -53.97 -47.68
N HIS A 9 -12.87 -53.10 -48.45
CA HIS A 9 -13.41 -51.85 -47.91
C HIS A 9 -14.83 -52.04 -47.42
N HIS A 10 -15.69 -51.03 -47.63
CA HIS A 10 -17.10 -51.08 -47.25
C HIS A 10 -17.31 -51.38 -45.78
N SER A 11 -16.28 -51.21 -44.96
CA SER A 11 -16.32 -51.60 -43.55
C SER A 11 -16.25 -50.34 -42.69
N SER A 12 -15.36 -50.23 -41.72
CA SER A 12 -15.32 -49.09 -40.81
C SER A 12 -13.92 -48.82 -40.30
N GLY A 13 -13.81 -48.53 -39.01
CA GLY A 13 -12.52 -48.27 -38.39
C GLY A 13 -12.55 -48.49 -36.89
N LEU A 14 -12.07 -49.66 -36.47
CA LEU A 14 -12.03 -50.06 -35.06
C LEU A 14 -13.41 -49.98 -34.41
N MET A 22 -16.28 -42.32 -36.11
CA MET A 22 -15.78 -41.72 -37.34
C MET A 22 -14.70 -42.59 -37.98
N ASP A 23 -14.86 -42.88 -39.26
CA ASP A 23 -13.93 -43.73 -39.98
C ASP A 23 -12.59 -43.02 -40.15
N ARG A 24 -11.50 -43.80 -40.09
CA ARG A 24 -10.17 -43.22 -40.22
C ARG A 24 -9.98 -42.55 -41.59
N ARG A 25 -10.70 -43.01 -42.61
CA ARG A 25 -10.66 -42.33 -43.89
C ARG A 25 -11.21 -40.91 -43.79
N GLU A 26 -12.33 -40.75 -43.07
CA GLU A 26 -12.91 -39.42 -42.90
C GLU A 26 -12.04 -38.55 -42.01
N ILE A 27 -11.48 -39.13 -40.94
CA ILE A 27 -10.52 -38.40 -40.10
C ILE A 27 -9.36 -37.89 -40.95
N GLN A 28 -8.87 -38.73 -41.86
CA GLN A 28 -7.79 -38.30 -42.74
C GLN A 28 -8.26 -37.19 -43.67
N ARG A 29 -9.48 -37.29 -44.19
CA ARG A 29 -9.97 -36.26 -45.10
C ARG A 29 -10.07 -34.91 -44.41
N ARG A 30 -10.75 -34.86 -43.26
CA ARG A 30 -10.92 -33.57 -42.58
C ARG A 30 -9.62 -33.06 -41.98
N ALA A 31 -8.70 -33.97 -41.62
CA ALA A 31 -7.40 -33.54 -41.13
C ALA A 31 -6.58 -32.91 -42.25
N LYS A 32 -6.55 -33.55 -43.42
CA LYS A 32 -5.88 -32.98 -44.58
C LYS A 32 -6.58 -31.72 -45.09
N GLU A 33 -7.87 -31.57 -44.79
CA GLU A 33 -8.64 -30.42 -45.25
C GLU A 33 -8.27 -29.17 -44.47
N LEU A 34 -7.86 -29.32 -43.21
CA LEU A 34 -7.54 -28.20 -42.34
C LEU A 34 -6.05 -27.88 -42.35
N GLU A 35 -5.28 -28.50 -43.23
CA GLU A 35 -3.85 -28.24 -43.33
C GLU A 35 -3.61 -26.77 -43.66
N PRO A 36 -2.45 -26.23 -43.24
CA PRO A 36 -1.39 -26.94 -42.52
C PRO A 36 -1.62 -26.97 -41.00
N TRP A 37 -1.12 -28.01 -40.35
CA TRP A 37 -1.17 -28.13 -38.90
C TRP A 37 0.18 -27.70 -38.34
N VAL A 38 0.16 -26.97 -37.22
CA VAL A 38 1.41 -26.44 -36.68
C VAL A 38 2.14 -27.50 -35.86
N ASN A 39 1.40 -28.31 -35.09
CA ASN A 39 1.99 -29.41 -34.34
C ASN A 39 1.65 -30.77 -34.94
N GLY A 40 1.01 -30.80 -36.10
CA GLY A 40 0.54 -32.04 -36.67
C GLY A 40 -0.75 -32.53 -36.02
N PHE A 41 -1.12 -33.77 -36.38
CA PHE A 41 -2.31 -34.39 -35.82
C PHE A 41 -2.14 -35.90 -35.83
N GLU A 42 -2.02 -36.48 -34.63
CA GLU A 42 -2.03 -37.92 -34.42
C GLU A 42 -3.32 -38.33 -33.71
N PHE A 43 -3.78 -39.54 -34.00
CA PHE A 43 -4.98 -40.07 -33.35
C PHE A 43 -4.92 -41.60 -33.36
N GLU A 44 -4.89 -42.20 -32.17
CA GLU A 44 -4.88 -43.65 -32.01
C GLU A 44 -3.71 -44.30 -32.76
N GLY A 45 -2.53 -43.68 -32.67
CA GLY A 45 -1.33 -44.26 -33.22
C GLY A 45 -0.93 -43.77 -34.60
N ILE A 46 -1.92 -43.49 -35.44
CA ILE A 46 -1.65 -43.14 -36.84
C ILE A 46 -1.28 -41.66 -36.93
N ARG A 47 -0.22 -41.36 -37.67
CA ARG A 47 0.18 -39.99 -37.95
C ARG A 47 -0.62 -39.47 -39.13
N TYR A 48 -1.53 -38.54 -38.87
CA TYR A 48 -2.34 -37.97 -39.95
C TYR A 48 -1.75 -36.67 -40.48
N ALA A 49 -1.17 -35.83 -39.63
CA ALA A 49 -0.59 -34.57 -40.07
C ALA A 49 0.73 -34.32 -39.34
N GLU A 50 1.63 -33.61 -40.02
CA GLU A 50 2.94 -33.29 -39.48
C GLU A 50 3.00 -31.87 -38.92
N ASP A 61 4.13 -32.11 -24.07
CA ASP A 61 3.36 -33.15 -23.40
C ASP A 61 2.14 -32.54 -22.70
N PRO A 62 1.02 -32.44 -23.44
CA PRO A 62 -0.14 -31.73 -22.88
C PRO A 62 -0.84 -32.47 -21.75
N ALA A 63 -0.91 -33.79 -21.82
CA ALA A 63 -1.52 -34.56 -20.74
C ALA A 63 -0.73 -34.41 -19.44
N ASP A 64 0.61 -34.40 -19.56
CA ASP A 64 1.45 -34.23 -18.37
C ASP A 64 1.20 -32.88 -17.72
N ARG A 65 1.28 -31.80 -18.50
CA ARG A 65 1.05 -30.47 -17.95
C ARG A 65 -0.38 -30.31 -17.47
N ALA A 66 -1.31 -31.09 -18.02
CA ALA A 66 -2.69 -31.05 -17.52
C ALA A 66 -2.80 -31.71 -16.16
N ARG A 67 -2.16 -32.87 -15.97
CA ARG A 67 -2.17 -33.48 -14.64
C ARG A 67 -1.47 -32.59 -13.62
N ALA A 68 -0.41 -31.89 -14.03
CA ALA A 68 0.20 -30.92 -13.13
C ALA A 68 -0.75 -29.76 -12.84
N PHE A 69 -1.53 -29.35 -13.85
CA PHE A 69 -2.47 -28.27 -13.67
C PHE A 69 -3.54 -28.62 -12.63
N TYR A 70 -4.09 -29.82 -12.73
CA TYR A 70 -5.06 -30.25 -11.74
C TYR A 70 -4.42 -30.59 -10.40
N GLU A 71 -3.14 -30.94 -10.38
CA GLU A 71 -2.43 -31.05 -9.11
C GLU A 71 -2.32 -29.69 -8.43
N ALA A 72 -2.20 -28.61 -9.20
CA ALA A 72 -2.16 -27.28 -8.60
C ALA A 72 -3.56 -26.80 -8.21
N PHE A 73 -4.56 -27.08 -9.05
CA PHE A 73 -5.94 -26.65 -8.81
C PHE A 73 -6.82 -27.90 -8.79
N PRO A 74 -7.02 -28.52 -7.63
CA PRO A 74 -7.69 -29.83 -7.58
C PRO A 74 -9.20 -29.75 -7.76
N GLY A 75 -9.82 -28.65 -7.32
CA GLY A 75 -11.26 -28.55 -7.35
C GLY A 75 -11.82 -27.75 -8.52
N ALA A 76 -11.09 -27.73 -9.64
CA ALA A 76 -11.48 -26.93 -10.77
C ALA A 76 -12.54 -27.66 -11.59
N THR A 77 -13.69 -27.01 -11.79
CA THR A 77 -14.77 -27.53 -12.62
C THR A 77 -15.23 -26.52 -13.65
N ARG A 78 -14.51 -25.40 -13.82
CA ARG A 78 -14.81 -24.29 -14.73
C ARG A 78 -13.47 -23.63 -15.12
N ILE A 79 -12.70 -24.32 -15.95
CA ILE A 79 -11.39 -23.86 -16.36
C ILE A 79 -11.49 -23.00 -17.62
N LEU A 80 -10.53 -22.09 -17.79
CA LEU A 80 -10.49 -21.19 -18.92
C LEU A 80 -9.07 -21.18 -19.49
N GLU A 81 -8.91 -21.70 -20.70
CA GLU A 81 -7.62 -21.67 -21.39
C GLU A 81 -7.51 -20.43 -22.25
N LEU A 82 -6.30 -19.88 -22.33
CA LEU A 82 -5.98 -18.75 -23.19
C LEU A 82 -5.01 -19.23 -24.26
N GLY A 83 -5.27 -18.85 -25.51
CA GLY A 83 -4.41 -19.25 -26.60
C GLY A 83 -4.46 -20.75 -26.86
N ALA A 84 -5.61 -21.24 -27.31
CA ALA A 84 -5.83 -22.67 -27.48
C ALA A 84 -5.77 -23.03 -28.96
N LEU A 85 -4.57 -22.90 -29.52
CA LEU A 85 -4.36 -23.30 -30.91
C LEU A 85 -4.47 -24.82 -31.02
N GLU A 86 -5.30 -25.28 -31.97
CA GLU A 86 -5.48 -26.70 -32.25
C GLU A 86 -6.09 -27.46 -31.07
N GLY A 87 -6.27 -26.78 -29.94
CA GLY A 87 -6.88 -27.40 -28.79
C GLY A 87 -6.07 -28.50 -28.14
N ALA A 88 -4.75 -28.51 -28.34
CA ALA A 88 -3.91 -29.56 -27.76
C ALA A 88 -4.04 -29.60 -26.25
N ASP A 89 -3.87 -28.45 -25.59
CA ASP A 89 -4.02 -28.39 -24.13
C ASP A 89 -5.48 -28.47 -23.72
N THR A 90 -6.38 -27.88 -24.53
CA THR A 90 -7.81 -27.89 -24.21
C THR A 90 -8.33 -29.32 -24.03
N LEU A 91 -8.06 -30.18 -25.00
CA LEU A 91 -8.47 -31.58 -24.88
C LEU A 91 -7.88 -32.22 -23.63
N ALA A 92 -6.62 -31.93 -23.31
CA ALA A 92 -5.99 -32.50 -22.13
C ALA A 92 -6.72 -32.09 -20.85
N LEU A 93 -7.12 -30.83 -20.75
CA LEU A 93 -7.82 -30.40 -19.54
C LEU A 93 -9.25 -30.90 -19.48
N ALA A 94 -9.83 -31.31 -20.61
CA ALA A 94 -11.21 -31.79 -20.63
C ALA A 94 -11.34 -33.25 -20.23
N ARG A 95 -10.22 -33.94 -20.00
CA ARG A 95 -10.30 -35.35 -19.65
C ARG A 95 -10.92 -35.55 -18.26
N GLN A 96 -10.57 -34.69 -17.32
CA GLN A 96 -11.06 -34.84 -15.95
C GLN A 96 -12.58 -34.65 -15.92
N PRO A 97 -13.32 -35.52 -15.25
CA PRO A 97 -14.78 -35.46 -15.31
C PRO A 97 -15.33 -34.26 -14.54
N GLY A 98 -16.57 -33.90 -14.89
CA GLY A 98 -17.22 -32.75 -14.29
C GLY A 98 -16.63 -31.42 -14.68
N THR A 99 -15.81 -31.40 -15.73
CA THR A 99 -15.10 -30.21 -16.15
C THR A 99 -15.83 -29.49 -17.29
N SER A 100 -15.85 -28.16 -17.21
CA SER A 100 -16.30 -27.30 -18.30
C SER A 100 -15.16 -26.39 -18.71
N ILE A 101 -14.91 -26.29 -20.01
CA ILE A 101 -13.76 -25.56 -20.51
C ILE A 101 -14.21 -24.52 -21.54
N LEU A 102 -13.64 -23.32 -21.41
CA LEU A 102 -13.74 -22.28 -22.43
C LEU A 102 -12.34 -22.00 -22.95
N GLY A 103 -12.15 -22.16 -24.25
CA GLY A 103 -10.86 -21.91 -24.86
C GLY A 103 -10.91 -20.80 -25.88
N LEU A 104 -10.11 -19.75 -25.66
CA LEU A 104 -10.10 -18.59 -26.53
C LEU A 104 -8.94 -18.70 -27.51
N GLU A 105 -9.21 -18.37 -28.77
CA GLU A 105 -8.20 -18.43 -29.82
C GLU A 105 -8.22 -17.15 -30.63
N GLY A 106 -7.04 -16.76 -31.12
CA GLY A 106 -6.89 -15.53 -31.87
C GLY A 106 -7.11 -15.68 -33.36
N ARG A 107 -6.62 -16.77 -33.93
CA ARG A 107 -6.76 -17.04 -35.36
C ARG A 107 -7.84 -18.10 -35.58
N GLU A 108 -8.72 -17.86 -36.55
CA GLU A 108 -9.85 -18.76 -36.75
C GLU A 108 -9.44 -20.07 -37.41
N GLU A 109 -8.33 -20.08 -38.14
CA GLU A 109 -7.80 -21.35 -38.66
C GLU A 109 -7.56 -22.35 -37.53
N ASN A 110 -6.72 -21.97 -36.58
CA ASN A 110 -6.48 -22.79 -35.40
C ASN A 110 -7.79 -23.10 -34.68
N LEU A 111 -8.76 -22.18 -34.72
CA LEU A 111 -10.03 -22.42 -34.06
C LEU A 111 -10.77 -23.59 -34.70
N ARG A 112 -10.83 -23.61 -36.04
CA ARG A 112 -11.51 -24.71 -36.71
C ARG A 112 -10.75 -26.01 -36.55
N ARG A 113 -9.41 -25.96 -36.50
CA ARG A 113 -8.63 -27.16 -36.22
C ARG A 113 -8.98 -27.70 -34.83
N ALA A 114 -9.04 -26.82 -33.84
CA ALA A 114 -9.35 -27.25 -32.47
C ALA A 114 -10.76 -27.82 -32.38
N GLU A 115 -11.73 -27.13 -32.97
CA GLU A 115 -13.10 -27.66 -33.03
C GLU A 115 -13.11 -29.05 -33.64
N PHE A 116 -12.29 -29.26 -34.68
CA PHE A 116 -12.18 -30.60 -35.27
C PHE A 116 -11.64 -31.60 -34.25
N VAL A 117 -10.57 -31.23 -33.53
CA VAL A 117 -10.00 -32.16 -32.55
C VAL A 117 -11.03 -32.55 -31.49
N MET A 118 -11.77 -31.56 -30.99
CA MET A 118 -12.83 -31.86 -30.02
C MET A 118 -13.90 -32.75 -30.63
N GLU A 119 -14.20 -32.55 -31.92
CA GLU A 119 -15.19 -33.39 -32.58
C GLU A 119 -14.70 -34.84 -32.67
N VAL A 120 -13.41 -35.03 -32.92
CA VAL A 120 -12.87 -36.38 -33.05
C VAL A 120 -12.83 -37.08 -31.70
N HIS A 121 -12.17 -36.46 -30.71
CA HIS A 121 -12.04 -37.09 -29.41
C HIS A 121 -13.34 -37.10 -28.61
N GLY A 122 -14.41 -36.51 -29.12
CA GLY A 122 -15.68 -36.53 -28.42
C GLY A 122 -15.76 -35.69 -27.17
N ALA A 123 -14.90 -34.67 -27.05
CA ALA A 123 -14.90 -33.78 -25.89
C ALA A 123 -16.08 -32.83 -26.03
N THR A 124 -17.24 -33.25 -25.52
CA THR A 124 -18.46 -32.46 -25.60
C THR A 124 -18.56 -31.40 -24.51
N ASN A 125 -17.59 -31.32 -23.61
CA ASN A 125 -17.60 -30.35 -22.52
C ASN A 125 -16.58 -29.23 -22.76
N VAL A 126 -16.48 -28.77 -24.01
CA VAL A 126 -15.53 -27.74 -24.39
C VAL A 126 -16.21 -26.77 -25.34
N GLU A 127 -16.09 -25.48 -25.05
CA GLU A 127 -16.51 -24.43 -25.97
C GLU A 127 -15.28 -23.64 -26.39
N LEU A 128 -15.10 -23.49 -27.70
CA LEU A 128 -13.99 -22.74 -28.27
C LEU A 128 -14.54 -21.45 -28.88
N ARG A 129 -14.00 -20.32 -28.45
CA ARG A 129 -14.42 -19.02 -28.95
C ARG A 129 -13.25 -18.31 -29.61
N ILE A 130 -13.58 -17.54 -30.65
CA ILE A 130 -12.61 -16.68 -31.34
C ILE A 130 -12.65 -15.31 -30.67
N ALA A 131 -11.53 -14.92 -30.07
CA ALA A 131 -11.47 -13.65 -29.36
C ALA A 131 -10.03 -13.22 -29.20
N ASP A 132 -9.76 -11.94 -29.46
CA ASP A 132 -8.45 -11.35 -29.22
C ASP A 132 -8.37 -10.92 -27.77
N VAL A 133 -7.48 -11.56 -27.00
CA VAL A 133 -7.34 -11.26 -25.58
C VAL A 133 -6.76 -9.88 -25.32
N GLU A 134 -6.25 -9.20 -26.36
CA GLU A 134 -5.62 -7.90 -26.16
C GLU A 134 -6.63 -6.77 -26.16
N THR A 135 -7.78 -6.95 -26.82
CA THR A 135 -8.84 -5.95 -26.85
C THR A 135 -10.16 -6.59 -26.40
N LEU A 136 -10.09 -7.48 -25.43
CA LEU A 136 -11.25 -8.20 -24.94
C LEU A 136 -11.65 -7.68 -23.56
N ASP A 137 -12.95 -7.49 -23.36
CA ASP A 137 -13.48 -7.11 -22.06
C ASP A 137 -13.70 -8.40 -21.27
N PHE A 138 -12.75 -8.74 -20.40
CA PHE A 138 -12.75 -10.02 -19.73
C PHE A 138 -13.94 -10.21 -18.79
N ALA A 139 -14.63 -9.13 -18.44
CA ALA A 139 -15.79 -9.25 -17.55
C ALA A 139 -16.95 -10.00 -18.20
N THR A 140 -16.99 -10.04 -19.54
CA THR A 140 -18.09 -10.71 -20.24
C THR A 140 -18.04 -12.23 -20.04
N LEU A 141 -16.84 -12.80 -19.90
CA LEU A 141 -16.71 -14.25 -19.83
C LEU A 141 -17.34 -14.83 -18.57
N GLY A 142 -17.31 -14.10 -17.47
CA GLY A 142 -17.77 -14.59 -16.20
C GLY A 142 -16.63 -14.80 -15.22
N ARG A 143 -16.88 -15.68 -14.25
CA ARG A 143 -15.87 -16.05 -13.27
C ARG A 143 -15.42 -17.48 -13.50
N PHE A 144 -14.12 -17.71 -13.39
CA PHE A 144 -13.53 -19.02 -13.62
C PHE A 144 -12.71 -19.45 -12.41
N ASP A 145 -12.66 -20.77 -12.19
CA ASP A 145 -11.86 -21.31 -11.10
C ASP A 145 -10.38 -21.16 -11.39
N ALA A 146 -9.93 -21.69 -12.53
CA ALA A 146 -8.53 -21.60 -12.91
C ALA A 146 -8.40 -21.16 -14.35
N VAL A 147 -7.24 -20.58 -14.66
CA VAL A 147 -6.93 -20.04 -15.97
C VAL A 147 -5.58 -20.59 -16.40
N LEU A 148 -5.51 -21.10 -17.63
CA LEU A 148 -4.28 -21.64 -18.18
C LEU A 148 -3.72 -20.66 -19.20
N CYS A 149 -2.52 -20.16 -18.93
CA CYS A 149 -1.80 -19.27 -19.84
C CYS A 149 -0.54 -20.01 -20.28
N ALA A 150 -0.67 -20.82 -21.32
CA ALA A 150 0.42 -21.68 -21.79
C ALA A 150 1.06 -21.05 -23.02
N GLY A 151 2.21 -20.42 -22.82
CA GLY A 151 3.01 -19.91 -23.92
C GLY A 151 2.36 -18.87 -24.80
N LEU A 152 1.95 -17.74 -24.21
CA LEU A 152 1.46 -16.63 -25.01
C LEU A 152 1.72 -15.32 -24.29
N LEU A 153 2.15 -15.39 -23.02
CA LEU A 153 2.47 -14.18 -22.27
C LEU A 153 3.53 -13.35 -22.99
N TYR A 154 4.45 -14.01 -23.69
CA TYR A 154 5.49 -13.34 -24.46
C TYR A 154 5.03 -13.00 -25.88
N HIS A 155 3.72 -12.96 -26.13
CA HIS A 155 3.19 -12.50 -27.40
C HIS A 155 2.43 -11.18 -27.30
N VAL A 156 2.03 -10.79 -26.11
CA VAL A 156 1.34 -9.52 -25.88
C VAL A 156 2.36 -8.42 -25.71
N ARG A 157 2.01 -7.20 -26.14
CA ARG A 157 2.93 -6.08 -25.99
C ARG A 157 2.97 -5.55 -24.56
N GLU A 158 1.96 -5.85 -23.74
CA GLU A 158 1.99 -5.51 -22.32
C GLU A 158 1.44 -6.70 -21.53
N PRO A 159 2.31 -7.61 -21.11
CA PRO A 159 1.83 -8.84 -20.45
C PRO A 159 1.22 -8.58 -19.08
N TRP A 160 1.67 -7.54 -18.38
CA TRP A 160 1.11 -7.23 -17.06
C TRP A 160 -0.40 -7.02 -17.12
N ALA A 161 -0.87 -6.30 -18.14
CA ALA A 161 -2.31 -6.10 -18.29
C ALA A 161 -3.02 -7.42 -18.59
N LEU A 162 -2.35 -8.35 -19.28
CA LEU A 162 -2.93 -9.66 -19.49
C LEU A 162 -3.07 -10.42 -18.18
N LEU A 163 -2.07 -10.34 -17.30
CA LEU A 163 -2.16 -10.99 -16.00
C LEU A 163 -3.24 -10.36 -15.14
N LYS A 164 -3.36 -9.03 -15.20
CA LYS A 164 -4.43 -8.36 -14.47
C LYS A 164 -5.79 -8.83 -14.96
N ASP A 165 -5.98 -8.86 -16.28
CA ASP A 165 -7.23 -9.36 -16.84
C ASP A 165 -7.48 -10.81 -16.45
N ALA A 166 -6.42 -11.60 -16.27
CA ALA A 166 -6.59 -12.95 -15.77
C ALA A 166 -7.07 -12.96 -14.32
N ALA A 167 -6.59 -12.01 -13.51
CA ALA A 167 -6.97 -12.00 -12.10
C ALA A 167 -8.46 -11.72 -11.90
N ARG A 168 -9.07 -10.93 -12.79
CA ARG A 168 -10.47 -10.60 -12.66
C ARG A 168 -11.38 -11.80 -12.90
N VAL A 169 -10.84 -12.93 -13.37
CA VAL A 169 -11.63 -14.10 -13.67
C VAL A 169 -10.97 -15.35 -13.10
N ALA A 171 -9.24 -16.57 -10.54
CA ALA A 171 -8.82 -16.77 -9.16
C ALA A 171 -7.75 -17.86 -9.08
N GLY A 172 -6.77 -17.78 -9.97
CA GLY A 172 -5.71 -18.77 -10.04
C GLY A 172 -5.28 -19.02 -11.48
N ILE A 173 -3.97 -19.12 -11.69
CA ILE A 173 -3.41 -19.19 -13.04
C ILE A 173 -2.25 -20.18 -13.06
N TYR A 174 -2.21 -21.01 -14.10
CA TYR A 174 -1.06 -21.88 -14.37
C TYR A 174 -0.28 -21.21 -15.50
N LEU A 175 0.77 -20.48 -15.14
CA LEU A 175 1.55 -19.72 -16.10
C LEU A 175 2.80 -20.50 -16.51
N SER A 176 3.00 -20.63 -17.82
CA SER A 176 4.17 -21.29 -18.38
C SER A 176 4.76 -20.35 -19.43
N THR A 177 5.82 -19.62 -19.06
CA THR A 177 6.34 -18.57 -19.93
C THR A 177 7.87 -18.54 -19.83
N HIS A 178 8.47 -17.64 -20.60
CA HIS A 178 9.91 -17.45 -20.64
C HIS A 178 10.27 -16.13 -19.98
N TYR A 179 11.56 -15.97 -19.64
CA TYR A 179 12.04 -14.69 -19.17
C TYR A 179 13.51 -14.53 -19.55
N TRP A 180 13.98 -13.29 -19.45
CA TRP A 180 15.32 -12.87 -19.87
C TRP A 180 16.16 -12.52 -18.64
N GLY A 181 17.37 -13.06 -18.58
CA GLY A 181 18.34 -12.83 -17.50
C GLY A 181 18.23 -11.55 -16.70
N SER A 182 19.07 -10.55 -17.01
CA SER A 182 19.00 -9.27 -16.30
C SER A 182 19.88 -8.19 -16.92
N SER A 183 21.19 -8.46 -17.00
CA SER A 183 22.23 -7.49 -17.36
C SER A 183 21.79 -6.46 -18.40
N ASP A 184 21.44 -6.91 -19.60
CA ASP A 184 21.02 -6.01 -20.65
C ASP A 184 19.74 -5.29 -20.24
N GLY A 185 19.73 -3.97 -20.42
CA GLY A 185 18.59 -3.17 -20.00
C GLY A 185 17.40 -3.26 -20.92
N LEU A 186 16.28 -3.77 -20.43
CA LEU A 186 15.04 -3.85 -21.19
C LEU A 186 14.18 -2.62 -20.92
N GLU A 187 14.79 -1.45 -21.17
CA GLU A 187 14.21 -0.14 -20.92
C GLU A 187 13.43 -0.07 -19.61
N THR A 188 12.34 0.70 -19.61
CA THR A 188 11.44 0.80 -18.46
C THR A 188 10.11 1.28 -19.04
N LEU A 189 9.24 0.33 -19.39
CA LEU A 189 7.98 0.63 -20.06
C LEU A 189 6.80 0.39 -19.13
N ASP A 190 6.09 1.46 -18.78
CA ASP A 190 4.88 1.40 -17.97
C ASP A 190 5.13 0.72 -16.62
N GLY A 191 6.30 1.02 -16.04
CA GLY A 191 6.64 0.52 -14.73
C GLY A 191 7.37 -0.80 -14.69
N TYR A 192 7.42 -1.54 -15.79
CA TYR A 192 8.07 -2.83 -15.85
C TYR A 192 9.32 -2.75 -16.73
N SER A 193 10.40 -3.39 -16.27
CA SER A 193 11.64 -3.41 -17.02
C SER A 193 11.49 -4.21 -18.32
N LEU A 216 10.01 -9.75 -20.57
CA LEU A 216 10.21 -9.38 -19.17
C LEU A 216 11.39 -10.12 -18.55
N ASP A 217 12.03 -9.49 -17.58
CA ASP A 217 12.98 -10.20 -16.73
C ASP A 217 12.24 -10.81 -15.55
N ARG A 218 12.99 -11.42 -14.63
CA ARG A 218 12.35 -12.11 -13.51
C ARG A 218 11.64 -11.14 -12.58
N ALA A 219 12.30 -10.03 -12.24
CA ALA A 219 11.72 -9.06 -11.32
C ALA A 219 10.41 -8.50 -11.85
N SER A 220 10.40 -8.05 -13.10
CA SER A 220 9.18 -7.52 -13.69
C SER A 220 8.11 -8.61 -13.89
N LEU A 221 8.52 -9.86 -14.00
CA LEU A 221 7.54 -10.95 -14.10
C LEU A 221 6.81 -11.14 -12.78
N PHE A 222 7.57 -11.40 -11.71
CA PHE A 222 6.94 -11.59 -10.40
C PHE A 222 6.23 -10.33 -9.93
N ALA A 223 6.72 -9.16 -10.35
CA ALA A 223 6.04 -7.91 -10.03
C ALA A 223 4.76 -7.74 -10.83
N ALA A 224 4.72 -8.27 -12.06
CA ALA A 224 3.48 -8.24 -12.83
C ALA A 224 2.46 -9.19 -12.23
N LEU A 225 2.88 -10.38 -11.81
CA LEU A 225 1.97 -11.30 -11.13
C LEU A 225 1.48 -10.72 -9.81
N GLU A 226 2.36 -10.05 -9.07
CA GLU A 226 1.97 -9.44 -7.81
C GLU A 226 0.98 -8.31 -8.03
N ASN A 227 1.28 -7.41 -8.96
CA ASN A 227 0.38 -6.30 -9.25
C ASN A 227 -0.94 -6.78 -9.85
N ALA A 228 -0.95 -7.96 -10.48
CA ALA A 228 -2.20 -8.48 -11.02
C ALA A 228 -3.13 -8.93 -9.90
N GLY A 229 -2.58 -9.40 -8.79
CA GLY A 229 -3.39 -9.82 -7.66
C GLY A 229 -2.98 -11.16 -7.07
N PHE A 230 -2.17 -11.93 -7.81
CA PHE A 230 -1.76 -13.26 -7.39
C PHE A 230 -0.68 -13.12 -6.32
N VAL A 231 -1.10 -13.15 -5.05
CA VAL A 231 -0.20 -12.98 -3.93
C VAL A 231 0.47 -14.28 -3.49
N GLU A 232 -0.02 -15.43 -3.94
CA GLU A 232 0.54 -16.73 -3.57
C GLU A 232 1.12 -17.37 -4.82
N ILE A 233 2.45 -17.40 -4.92
CA ILE A 233 3.14 -17.85 -6.12
C ILE A 233 4.02 -19.04 -5.77
N GLU A 234 3.93 -20.09 -6.58
CA GLU A 234 4.73 -21.31 -6.39
C GLU A 234 5.39 -21.70 -7.70
N VAL A 235 6.71 -21.65 -7.75
CA VAL A 235 7.43 -22.02 -8.96
C VAL A 235 7.58 -23.54 -8.99
N LEU A 236 7.13 -24.15 -10.08
CA LEU A 236 7.22 -25.61 -10.24
C LEU A 236 8.48 -26.03 -10.99
N HIS A 237 8.85 -25.27 -12.03
CA HIS A 237 9.98 -25.63 -12.87
C HIS A 237 10.58 -24.35 -13.42
N GLU A 238 11.90 -24.37 -13.62
CA GLU A 238 12.61 -23.21 -14.12
C GLU A 238 13.98 -23.58 -14.67
N THR A 240 17.34 -21.63 -16.22
CA THR A 240 17.96 -20.31 -16.28
C THR A 240 19.04 -20.25 -17.35
N SER A 241 19.38 -19.04 -17.77
CA SER A 241 20.41 -18.81 -18.79
C SER A 241 20.74 -17.33 -18.79
N ALA A 242 21.70 -16.95 -19.63
CA ALA A 242 22.04 -15.54 -19.79
C ALA A 242 21.11 -14.83 -20.75
N GLU A 243 20.42 -15.57 -21.63
CA GLU A 243 19.51 -14.97 -22.60
C GLU A 243 18.14 -15.58 -22.38
N VAL A 244 17.70 -16.50 -23.24
CA VAL A 244 16.35 -17.06 -23.13
C VAL A 244 16.31 -18.06 -21.98
N CYS A 245 15.33 -17.89 -21.08
CA CYS A 245 15.13 -18.81 -19.97
C CYS A 245 13.65 -19.17 -19.87
N ASP A 246 13.37 -20.26 -19.17
CA ASP A 246 12.02 -20.80 -19.04
C ASP A 246 11.60 -20.79 -17.58
N ILE A 247 10.28 -20.74 -17.35
CA ILE A 247 9.74 -20.76 -16.00
C ILE A 247 8.28 -21.19 -16.07
N VAL A 248 7.86 -21.96 -15.08
CA VAL A 248 6.47 -22.41 -14.92
C VAL A 248 6.08 -22.14 -13.48
N VAL A 249 5.12 -21.23 -13.27
CA VAL A 249 4.68 -20.85 -11.94
C VAL A 249 3.18 -21.05 -11.81
N VAL A 250 2.75 -21.23 -10.57
CA VAL A 250 1.34 -21.32 -10.21
C VAL A 250 1.00 -20.09 -9.38
N GLY A 251 -0.17 -19.53 -9.64
CA GLY A 251 -0.59 -18.32 -8.95
C GLY A 251 -1.98 -18.44 -8.35
N ARG A 252 -2.10 -18.01 -7.09
CA ARG A 252 -3.37 -17.95 -6.39
C ARG A 252 -3.51 -16.57 -5.78
N ALA A 253 -4.57 -15.87 -6.16
CA ALA A 253 -4.89 -14.56 -5.60
C ALA A 253 -5.79 -14.75 -4.39
N ARG A 254 -6.24 -13.64 -3.81
CA ARG A 254 -7.25 -13.72 -2.77
C ARG A 254 -8.47 -14.45 -3.33
N LEU A 255 -9.12 -15.22 -2.44
CA LEU A 255 -10.21 -16.16 -2.75
C LEU A 255 -9.63 -17.48 -3.22
N GLY A 256 -8.53 -17.45 -3.97
CA GLY A 256 -7.88 -18.70 -4.36
C GLY A 256 -7.22 -19.41 -3.20
N ALA A 257 -6.39 -18.68 -2.43
CA ALA A 257 -5.83 -19.25 -1.22
C ALA A 257 -6.93 -19.68 -0.26
N GLN A 258 -8.02 -18.91 -0.21
CA GLN A 258 -9.17 -19.30 0.59
C GLN A 258 -9.72 -20.65 0.14
N ILE A 259 -9.73 -20.90 -1.17
CA ILE A 259 -10.14 -22.21 -1.68
C ILE A 259 -9.17 -23.29 -1.21
N ARG A 260 -7.86 -22.98 -1.26
CA ARG A 260 -6.87 -23.96 -0.83
C ARG A 260 -7.07 -24.36 0.62
N ARG A 261 -7.26 -23.38 1.50
CA ARG A 261 -7.42 -23.70 2.93
C ARG A 261 -8.77 -24.35 3.20
N PHE A 262 -9.82 -23.92 2.48
CA PHE A 262 -11.12 -24.58 2.63
C PHE A 262 -11.05 -26.05 2.21
N ARG A 263 -10.18 -26.36 1.26
CA ARG A 263 -10.06 -27.75 0.83
C ARG A 263 -9.17 -28.55 1.78
N GLU A 264 -8.11 -27.92 2.32
CA GLU A 264 -7.19 -28.61 3.20
C GLU A 264 -7.70 -28.61 4.65
N ASP A 265 -7.97 -27.43 5.20
CA ASP A 265 -8.43 -27.35 6.58
C ASP A 265 -9.92 -27.66 6.71
N GLY A 266 -10.74 -27.13 5.82
CA GLY A 266 -12.18 -27.33 5.86
C GLY A 266 -13.00 -26.14 6.32
N PHE A 267 -12.39 -24.96 6.46
CA PHE A 267 -13.07 -23.77 6.95
C PHE A 267 -12.21 -22.56 6.67
N VAL A 268 -12.86 -21.46 6.28
CA VAL A 268 -12.17 -20.24 5.86
C VAL A 268 -13.05 -19.05 6.18
N ASN A 269 -12.41 -17.96 6.64
CA ASN A 269 -13.06 -16.66 6.76
C ASN A 269 -12.89 -15.95 5.43
N ALA A 270 -13.91 -16.01 4.58
CA ALA A 270 -13.84 -15.50 3.22
C ALA A 270 -14.19 -14.01 3.12
N GLY A 271 -14.11 -13.28 4.23
CA GLY A 271 -14.38 -11.86 4.23
C GLY A 271 -15.82 -11.55 3.86
N PRO A 272 -16.09 -10.27 3.61
CA PRO A 272 -17.44 -9.87 3.20
C PRO A 272 -17.67 -10.11 1.72
N VAL A 273 -18.91 -9.89 1.29
CA VAL A 273 -19.30 -10.05 -0.10
C VAL A 273 -20.20 -8.91 -0.53
N PHE A 274 -21.02 -8.41 0.39
CA PHE A 274 -22.03 -7.42 0.06
C PHE A 274 -21.42 -6.02 -0.01
N ALA A 275 -22.04 -5.18 -0.85
CA ALA A 275 -21.64 -3.79 -1.00
C ALA A 275 -22.64 -2.90 -0.26
N ASP A 276 -22.46 -2.82 1.06
CA ASP A 276 -23.22 -1.93 1.94
C ASP A 276 -24.70 -2.27 2.00
N ASP A 277 -25.42 -1.60 2.91
CA ASP A 277 -26.88 -1.64 3.01
C ASP A 277 -27.44 -3.00 3.46
N THR A 278 -27.32 -4.01 2.59
CA THR A 278 -28.08 -5.25 2.80
C THR A 278 -27.65 -6.01 4.04
N ILE A 279 -26.40 -5.86 4.49
CA ILE A 279 -25.96 -6.55 5.70
C ILE A 279 -26.66 -5.97 6.93
N ALA A 280 -26.67 -4.64 7.04
CA ALA A 280 -27.36 -4.00 8.16
C ALA A 280 -28.85 -4.29 8.14
N ARG A 281 -29.44 -4.40 6.94
CA ARG A 281 -30.83 -4.81 6.85
C ARG A 281 -31.03 -6.22 7.39
N LEU A 282 -30.10 -7.13 7.06
CA LEU A 282 -30.18 -8.49 7.59
C LEU A 282 -30.08 -8.48 9.12
N LYS A 283 -29.19 -7.67 9.68
CA LYS A 283 -29.08 -7.59 11.13
C LYS A 283 -30.36 -7.04 11.75
N ALA A 284 -30.94 -6.00 11.13
CA ALA A 284 -32.17 -5.41 11.65
C ALA A 284 -33.32 -6.41 11.64
N GLY A 285 -33.46 -7.16 10.54
CA GLY A 285 -34.48 -8.19 10.50
C GLY A 285 -34.23 -9.31 11.50
N ALA A 286 -32.95 -9.66 11.70
CA ALA A 286 -32.61 -10.71 12.66
C ALA A 286 -33.02 -10.30 14.07
N ILE A 287 -32.60 -9.10 14.50
CA ILE A 287 -33.04 -8.60 15.81
C ILE A 287 -34.55 -8.49 15.86
N ASP A 288 -35.19 -8.16 14.73
CA ASP A 288 -36.65 -8.14 14.66
C ASP A 288 -37.22 -9.53 14.93
N LEU A 289 -36.48 -10.59 14.58
CA LEU A 289 -36.95 -11.94 14.90
C LEU A 289 -36.68 -12.30 16.36
N ILE A 290 -35.53 -11.89 16.89
CA ILE A 290 -35.22 -12.22 18.28
C ILE A 290 -36.20 -11.51 19.22
N SER A 291 -36.64 -10.31 18.86
CA SER A 291 -37.60 -9.58 19.68
C SER A 291 -38.96 -10.27 19.75
N ARG A 292 -39.25 -11.17 18.81
CA ARG A 292 -40.53 -11.89 18.85
C ARG A 292 -40.64 -12.75 20.09
N PHE A 293 -39.57 -13.52 20.38
CA PHE A 293 -39.57 -14.36 21.58
C PHE A 293 -39.25 -13.55 22.83
N THR A 294 -38.32 -12.60 22.73
CA THR A 294 -37.87 -11.85 23.90
C THR A 294 -38.85 -10.73 24.25
N GLU A 295 -38.95 -9.73 23.38
CA GLU A 295 -39.75 -8.54 23.71
C GLU A 295 -41.25 -8.84 23.66
N HIS A 296 -41.68 -9.69 22.73
CA HIS A 296 -43.09 -10.02 22.60
C HIS A 296 -43.41 -11.33 23.31
N GLY A 297 -44.23 -12.17 22.68
CA GLY A 297 -44.56 -13.47 23.23
C GLY A 297 -44.77 -14.50 22.15
N HIS A 298 -43.72 -14.76 21.36
CA HIS A 298 -43.81 -15.67 20.23
C HIS A 298 -43.44 -17.09 20.66
N VAL A 299 -43.97 -18.06 19.91
CA VAL A 299 -43.70 -19.47 20.17
C VAL A 299 -44.07 -20.28 18.93
N SER A 300 -43.18 -21.18 18.51
CA SER A 300 -43.41 -22.05 17.38
C SER A 300 -42.38 -23.18 17.43
N ASP A 301 -42.53 -24.13 16.51
CA ASP A 301 -41.62 -25.27 16.45
C ASP A 301 -40.23 -24.89 15.96
N ASP A 302 -40.08 -23.72 15.34
CA ASP A 302 -38.81 -23.30 14.79
C ASP A 302 -38.00 -22.42 15.75
N TYR A 303 -38.59 -21.99 16.87
CA TYR A 303 -37.88 -21.23 17.88
C TYR A 303 -37.32 -22.21 18.91
N TRP A 304 -36.11 -22.70 18.63
CA TRP A 304 -35.49 -23.71 19.50
C TRP A 304 -34.95 -23.03 20.77
N ASN A 305 -35.49 -23.45 21.91
CA ASN A 305 -35.22 -22.82 23.19
C ASN A 305 -35.06 -23.91 24.25
N TYR A 306 -34.44 -23.54 25.37
CA TYR A 306 -34.31 -24.48 26.49
C TYR A 306 -34.45 -23.81 27.85
N VAL A 308 -33.89 -22.81 32.65
CA VAL A 308 -34.12 -23.94 33.53
C VAL A 308 -35.10 -23.55 34.63
N GLU A 309 -34.72 -22.56 35.43
CA GLU A 309 -35.57 -22.03 36.49
C GLU A 309 -35.53 -20.51 36.46
N ASN A 310 -36.68 -19.90 36.73
CA ASN A 310 -36.83 -18.45 36.80
C ASN A 310 -36.56 -17.79 35.46
N GLU A 311 -35.30 -17.82 35.02
CA GLU A 311 -34.93 -17.16 33.77
C GLU A 311 -35.72 -17.74 32.60
N ALA A 312 -36.09 -16.87 31.66
CA ALA A 312 -36.87 -17.28 30.50
C ALA A 312 -36.11 -18.31 29.67
N PRO A 313 -36.84 -19.13 28.89
CA PRO A 313 -36.18 -20.09 28.00
C PRO A 313 -35.22 -19.39 27.05
N VAL A 314 -34.02 -19.94 26.93
CA VAL A 314 -33.00 -19.37 26.07
C VAL A 314 -33.26 -19.81 24.64
N LEU A 315 -33.32 -18.83 23.73
CA LEU A 315 -33.50 -19.09 22.30
C LEU A 315 -32.13 -19.14 21.65
N TYR A 316 -31.87 -20.23 20.91
CA TYR A 316 -30.55 -20.40 20.32
C TYR A 316 -30.54 -20.65 18.81
N ARG A 317 -31.68 -20.95 18.20
CA ARG A 317 -31.68 -21.22 16.76
C ARG A 317 -33.06 -20.97 16.18
N ILE A 318 -33.10 -20.22 15.09
CA ILE A 318 -34.29 -20.03 14.29
C ILE A 318 -34.18 -20.95 13.09
N HIS A 319 -34.95 -22.03 13.09
CA HIS A 319 -34.95 -23.01 12.02
C HIS A 319 -35.90 -22.56 10.91
N ASN A 320 -35.55 -22.93 9.68
CA ASN A 320 -36.30 -22.52 8.48
C ASN A 320 -36.45 -21.01 8.42
N LEU A 321 -35.31 -20.33 8.28
CA LEU A 321 -35.30 -18.87 8.31
C LEU A 321 -35.95 -18.28 7.06
N GLU A 322 -35.85 -18.96 5.92
CA GLU A 322 -36.41 -18.43 4.69
C GLU A 322 -37.93 -18.44 4.68
N LYS A 323 -38.56 -19.24 5.55
CA LYS A 323 -40.00 -19.39 5.56
C LYS A 323 -40.69 -18.49 6.57
N GLN A 324 -39.96 -17.93 7.52
CA GLN A 324 -40.55 -17.10 8.55
C GLN A 324 -41.05 -15.77 7.97
N ASP A 325 -41.88 -15.09 8.75
CA ASP A 325 -42.39 -13.77 8.36
C ASP A 325 -41.26 -12.75 8.33
N TRP A 326 -40.65 -12.56 7.17
CA TRP A 326 -39.51 -11.68 7.01
C TRP A 326 -39.80 -10.61 5.97
N ALA A 327 -39.48 -9.36 6.30
CA ALA A 327 -39.42 -8.31 5.29
C ALA A 327 -38.09 -8.31 4.53
N GLU A 328 -37.09 -9.04 5.01
CA GLU A 328 -35.76 -9.04 4.40
C GLU A 328 -35.30 -10.45 4.03
N ARG A 329 -36.22 -11.41 3.92
CA ARG A 329 -35.82 -12.76 3.50
C ARG A 329 -35.39 -12.83 2.05
N GLU A 330 -35.80 -11.85 1.23
CA GLU A 330 -35.32 -11.80 -0.15
C GLU A 330 -33.80 -11.69 -0.20
N LEU A 331 -33.21 -10.96 0.75
CA LEU A 331 -31.76 -10.84 0.84
C LEU A 331 -31.08 -12.18 1.07
N LEU A 332 -31.84 -13.21 1.49
CA LEU A 332 -31.25 -14.54 1.63
C LEU A 332 -30.94 -15.18 0.29
N PHE A 333 -31.54 -14.68 -0.80
CA PHE A 333 -31.34 -15.25 -2.13
C PHE A 333 -30.46 -14.36 -3.00
N ARG A 334 -29.58 -13.57 -2.37
CA ARG A 334 -28.69 -12.70 -3.13
C ARG A 334 -27.71 -13.53 -3.95
N PRO A 335 -27.33 -13.07 -5.14
CA PRO A 335 -26.42 -13.87 -5.99
C PRO A 335 -25.00 -13.96 -5.44
N GLU A 336 -24.59 -13.04 -4.56
CA GLU A 336 -23.22 -13.08 -4.04
C GLU A 336 -23.00 -14.29 -3.13
N LEU A 337 -24.04 -14.72 -2.40
CA LEU A 337 -23.89 -15.87 -1.51
C LEU A 337 -23.72 -17.15 -2.30
N ALA A 338 -24.68 -17.45 -3.19
CA ALA A 338 -24.57 -18.62 -4.04
C ALA A 338 -23.34 -18.55 -4.93
N GLU A 339 -22.89 -17.35 -5.26
CA GLU A 339 -21.68 -17.21 -6.06
C GLU A 339 -20.43 -17.58 -5.25
N LEU A 340 -20.37 -17.15 -3.98
CA LEU A 340 -19.25 -17.52 -3.13
C LEU A 340 -19.23 -19.03 -2.89
N ALA A 341 -20.35 -19.58 -2.41
CA ALA A 341 -20.44 -21.02 -2.22
C ALA A 341 -20.15 -21.77 -3.52
N ALA A 342 -20.50 -21.17 -4.65
CA ALA A 342 -20.17 -21.77 -5.95
C ALA A 342 -18.67 -21.77 -6.18
N ALA A 343 -17.99 -20.68 -5.82
CA ALA A 343 -16.54 -20.64 -5.98
C ALA A 343 -15.85 -21.65 -5.07
N PHE A 344 -16.43 -21.93 -3.91
CA PHE A 344 -15.79 -22.89 -3.00
C PHE A 344 -16.16 -24.34 -3.29
N VAL A 345 -17.41 -24.62 -3.65
CA VAL A 345 -17.83 -26.00 -3.89
C VAL A 345 -17.77 -26.31 -5.38
N GLY A 346 -18.87 -26.05 -6.10
CA GLY A 346 -18.90 -26.24 -7.54
C GLY A 346 -19.74 -25.16 -8.20
N SER A 347 -19.87 -25.26 -9.52
CA SER A 347 -20.48 -24.14 -10.22
C SER A 347 -22.00 -24.14 -10.01
N PRO A 348 -22.73 -25.29 -10.20
CA PRO A 348 -24.18 -25.24 -9.93
C PRO A 348 -24.46 -25.52 -8.47
N VAL A 349 -24.79 -24.48 -7.71
CA VAL A 349 -25.10 -24.64 -6.29
C VAL A 349 -26.53 -24.21 -6.05
N VAL A 350 -27.17 -24.88 -5.09
CA VAL A 350 -28.54 -24.58 -4.71
C VAL A 350 -28.61 -24.50 -3.19
N PRO A 351 -29.21 -23.45 -2.61
CA PRO A 351 -29.35 -23.41 -1.15
C PRO A 351 -30.34 -24.47 -0.68
N THR A 352 -29.93 -25.24 0.32
CA THR A 352 -30.72 -26.36 0.80
C THR A 352 -31.31 -26.16 2.19
N ALA A 353 -30.69 -25.34 3.03
CA ALA A 353 -31.19 -25.11 4.38
C ALA A 353 -30.82 -23.70 4.83
N PHE A 354 -31.74 -23.07 5.56
CA PHE A 354 -31.54 -21.75 6.12
C PHE A 354 -31.78 -21.80 7.63
N ALA A 355 -30.96 -21.07 8.39
CA ALA A 355 -31.09 -21.05 9.84
C ALA A 355 -30.40 -19.82 10.38
N LEU A 356 -30.75 -19.48 11.63
CA LEU A 356 -30.17 -18.33 12.32
C LEU A 356 -29.75 -18.76 13.72
N VAL A 357 -28.45 -18.93 13.93
CA VAL A 357 -27.93 -19.35 15.23
C VAL A 357 -27.65 -18.12 16.08
N LEU A 358 -27.97 -18.22 17.37
CA LEU A 358 -27.92 -17.10 18.29
C LEU A 358 -27.15 -17.47 19.55
N LYS A 359 -26.30 -16.56 19.99
CA LYS A 359 -25.62 -16.65 21.28
C LYS A 359 -26.07 -15.43 22.09
N GLU A 360 -26.99 -15.66 23.02
CA GLU A 360 -27.44 -14.61 23.92
C GLU A 360 -26.29 -14.13 24.79
N PRO A 361 -26.35 -12.90 25.30
CA PRO A 361 -25.32 -12.44 26.22
C PRO A 361 -25.38 -13.20 27.54
N LYS A 362 -24.20 -13.48 28.08
CA LYS A 362 -24.04 -14.11 29.40
C LYS A 362 -24.59 -15.53 29.46
N ARG A 363 -25.91 -15.69 29.27
CA ARG A 363 -26.54 -16.97 29.56
C ARG A 363 -26.25 -18.05 28.52
N ALA A 364 -25.88 -17.68 27.30
CA ALA A 364 -25.77 -18.65 26.22
C ALA A 364 -24.73 -19.72 26.54
N ALA A 365 -25.12 -20.97 26.34
CA ALA A 365 -24.21 -22.08 26.53
C ALA A 365 -23.56 -22.48 25.21
N GLY A 366 -22.56 -23.34 25.29
CA GLY A 366 -21.89 -23.81 24.10
C GLY A 366 -22.74 -24.79 23.30
N VAL A 367 -22.22 -25.16 22.15
CA VAL A 367 -22.84 -26.15 21.27
C VAL A 367 -21.87 -27.32 21.15
N PRO A 368 -22.30 -28.56 21.39
CA PRO A 368 -21.39 -29.70 21.31
C PRO A 368 -20.81 -29.88 19.92
N TRP A 369 -19.67 -30.56 19.88
CA TRP A 369 -18.96 -30.79 18.63
C TRP A 369 -19.63 -31.89 17.84
N HIS A 370 -19.64 -31.75 16.52
CA HIS A 370 -20.40 -32.64 15.66
C HIS A 370 -19.96 -32.42 14.21
N ARG A 371 -20.42 -33.32 13.34
CA ARG A 371 -20.43 -33.10 11.91
C ARG A 371 -21.87 -32.86 11.48
N ASP A 372 -22.09 -31.84 10.66
CA ASP A 372 -23.44 -31.55 10.18
C ASP A 372 -23.99 -32.74 9.39
N ARG A 373 -23.28 -33.15 8.35
CA ARG A 373 -23.67 -34.30 7.54
C ARG A 373 -22.44 -35.13 7.22
N ALA A 374 -22.61 -36.45 7.18
CA ALA A 374 -21.51 -37.38 6.93
C ALA A 374 -21.81 -38.36 5.80
N ASN A 375 -22.94 -38.20 5.12
CA ASN A 375 -23.32 -39.07 4.01
C ASN A 375 -22.94 -38.49 2.65
N VAL A 376 -22.08 -37.47 2.63
CA VAL A 376 -21.67 -36.84 1.38
C VAL A 376 -20.15 -36.87 1.29
N ALA A 377 -19.65 -36.71 0.08
CA ALA A 377 -18.22 -36.70 -0.16
C ALA A 377 -17.62 -35.38 0.31
N PRO A 378 -16.32 -35.35 0.59
CA PRO A 378 -15.68 -34.09 0.96
C PRO A 378 -15.72 -33.09 -0.18
N HIS A 379 -15.83 -31.81 0.19
CA HIS A 379 -15.83 -30.70 -0.76
C HIS A 379 -17.07 -30.74 -1.66
N THR A 380 -18.19 -31.22 -1.12
CA THR A 380 -19.44 -31.34 -1.87
C THR A 380 -20.55 -30.43 -1.36
N VAL A 381 -20.69 -30.30 -0.04
CA VAL A 381 -21.69 -29.43 0.57
C VAL A 381 -20.98 -28.51 1.55
N CYS A 382 -21.34 -27.23 1.52
CA CYS A 382 -20.69 -26.25 2.39
C CYS A 382 -21.74 -25.42 3.12
N ASN A 383 -21.31 -24.88 4.26
CA ASN A 383 -22.10 -23.94 5.04
C ASN A 383 -21.47 -22.56 4.96
N LEU A 384 -22.28 -21.56 4.61
CA LEU A 384 -21.91 -20.16 4.70
C LEU A 384 -22.53 -19.56 5.96
N SER A 385 -21.77 -18.69 6.61
CA SER A 385 -22.15 -18.10 7.89
C SER A 385 -21.91 -16.60 7.79
N ILE A 386 -22.98 -15.85 7.57
CA ILE A 386 -22.92 -14.39 7.60
C ILE A 386 -22.93 -13.97 9.06
N CYS A 387 -21.81 -13.43 9.52
CA CYS A 387 -21.64 -13.05 10.93
C CYS A 387 -22.20 -11.65 11.13
N LEU A 388 -23.30 -11.55 11.87
CA LEU A 388 -23.94 -10.28 12.15
C LEU A 388 -23.32 -9.55 13.34
N ASP A 389 -22.39 -10.19 14.04
CA ASP A 389 -21.72 -9.58 15.18
C ASP A 389 -20.25 -9.99 15.18
N THR A 390 -19.42 -9.13 15.76
CA THR A 390 -18.02 -9.46 15.94
C THR A 390 -17.87 -10.60 16.94
N ALA A 391 -17.05 -11.59 16.60
CA ALA A 391 -16.92 -12.80 17.40
C ALA A 391 -15.45 -13.05 17.70
N GLY A 392 -15.16 -13.28 18.98
CA GLY A 392 -13.82 -13.63 19.41
C GLY A 392 -13.81 -14.98 20.12
N PRO A 393 -12.61 -15.45 20.48
CA PRO A 393 -12.53 -16.74 21.20
C PRO A 393 -13.34 -16.78 22.49
N GLU A 394 -13.42 -15.66 23.21
CA GLU A 394 -14.20 -15.56 24.43
C GLU A 394 -15.62 -15.06 24.19
N ASN A 395 -16.12 -15.15 22.96
CA ASN A 395 -17.46 -14.70 22.62
C ASN A 395 -18.35 -15.82 22.08
N GLY A 396 -17.84 -17.04 21.98
CA GLY A 396 -18.60 -18.14 21.45
C GLY A 396 -18.48 -18.35 19.96
N CYS A 397 -17.34 -17.99 19.37
CA CYS A 397 -17.16 -18.06 17.93
C CYS A 397 -16.95 -19.49 17.47
N LEU A 398 -16.77 -19.66 16.15
CA LEU A 398 -16.56 -20.97 15.58
C LEU A 398 -15.20 -21.54 16.01
N GLU A 399 -15.19 -22.84 16.30
CA GLU A 399 -13.96 -23.60 16.47
C GLU A 399 -14.00 -24.81 15.58
N GLY A 400 -12.89 -25.11 14.91
CA GLY A 400 -12.81 -26.24 14.03
C GLY A 400 -11.54 -27.04 14.27
N VAL A 401 -11.60 -28.30 13.85
CA VAL A 401 -10.44 -29.19 13.83
C VAL A 401 -9.97 -29.30 12.38
N PRO A 402 -8.86 -28.68 12.01
CA PRO A 402 -8.44 -28.68 10.59
C PRO A 402 -8.22 -30.09 10.07
N GLY A 403 -8.74 -30.35 8.87
CA GLY A 403 -8.59 -31.64 8.23
C GLY A 403 -9.58 -32.70 8.67
N SER A 404 -10.39 -32.43 9.70
CA SER A 404 -11.34 -33.42 10.19
C SER A 404 -12.44 -33.73 9.17
N HIS A 405 -12.65 -32.85 8.20
CA HIS A 405 -13.65 -33.12 7.16
C HIS A 405 -13.20 -34.21 6.20
N LEU A 406 -11.91 -34.54 6.18
CA LEU A 406 -11.38 -35.59 5.32
C LEU A 406 -11.22 -36.92 6.06
N LEU A 407 -11.91 -37.09 7.18
CA LEU A 407 -11.91 -38.32 7.94
C LEU A 407 -13.05 -39.22 7.51
N PRO A 408 -12.99 -40.53 7.82
CA PRO A 408 -14.04 -41.45 7.39
C PRO A 408 -15.42 -41.11 7.95
N ASP A 409 -16.43 -41.86 7.54
CA ASP A 409 -17.79 -41.56 7.96
C ASP A 409 -18.00 -41.89 9.44
N ASP A 410 -17.71 -43.14 9.83
CA ASP A 410 -17.79 -43.53 11.23
C ASP A 410 -16.60 -42.98 11.99
N ILE A 411 -16.86 -42.08 12.95
CA ILE A 411 -15.82 -41.48 13.79
C ILE A 411 -16.36 -41.40 15.21
N ASP A 412 -15.46 -41.17 16.15
CA ASP A 412 -15.79 -40.88 17.54
C ASP A 412 -15.49 -39.40 17.79
N VAL A 413 -16.57 -38.61 17.89
CA VAL A 413 -16.40 -37.14 17.94
C VAL A 413 -15.55 -36.67 19.11
N PRO A 414 -15.69 -37.20 20.33
CA PRO A 414 -14.83 -36.69 21.42
C PRO A 414 -13.34 -36.90 21.18
N GLU A 415 -12.95 -37.99 20.51
CA GLU A 415 -11.53 -38.20 20.24
C GLU A 415 -10.99 -37.12 19.31
N ILE A 416 -11.70 -36.86 18.21
CA ILE A 416 -11.26 -35.81 17.28
C ILE A 416 -11.29 -34.45 17.97
N ARG A 417 -12.28 -34.21 18.82
CA ARG A 417 -12.40 -32.93 19.51
C ARG A 417 -11.21 -32.71 20.44
N ASP A 418 -11.04 -33.58 21.43
CA ASP A 418 -9.99 -33.36 22.43
C ASP A 418 -8.60 -33.55 21.84
N GLY A 419 -8.47 -34.38 20.82
CA GLY A 419 -7.18 -34.53 20.16
C GLY A 419 -6.66 -33.22 19.61
N GLY A 420 -7.49 -32.53 18.83
CA GLY A 420 -7.16 -31.20 18.35
C GLY A 420 -6.39 -31.16 17.05
N PRO A 421 -5.91 -29.97 16.66
CA PRO A 421 -6.12 -28.73 17.42
C PRO A 421 -7.51 -28.13 17.21
N ARG A 422 -8.02 -27.45 18.24
CA ARG A 422 -9.32 -26.78 18.19
C ARG A 422 -9.05 -25.29 17.96
N VAL A 423 -9.04 -24.89 16.70
CA VAL A 423 -8.62 -23.55 16.30
C VAL A 423 -9.87 -22.68 16.14
N PRO A 424 -9.88 -21.46 16.68
CA PRO A 424 -11.04 -20.60 16.53
C PRO A 424 -11.00 -19.82 15.21
N VAL A 425 -12.18 -19.36 14.80
CA VAL A 425 -12.32 -18.61 13.56
C VAL A 425 -12.82 -17.21 13.89
N PRO A 426 -11.93 -16.24 14.12
CA PRO A 426 -12.39 -14.87 14.36
C PRO A 426 -13.15 -14.31 13.17
N SER A 427 -14.08 -13.41 13.45
CA SER A 427 -14.94 -12.86 12.42
C SER A 427 -15.43 -11.48 12.84
N LYS A 428 -15.46 -10.56 11.88
CA LYS A 428 -16.07 -9.26 12.08
C LYS A 428 -17.47 -9.25 11.49
N VAL A 429 -18.26 -8.25 11.88
CA VAL A 429 -19.61 -8.09 11.34
C VAL A 429 -19.51 -7.82 9.84
N GLY A 430 -19.98 -8.77 9.04
CA GLY A 430 -19.89 -8.71 7.59
C GLY A 430 -19.14 -9.87 6.98
N ASP A 431 -18.18 -10.43 7.72
CA ASP A 431 -17.44 -11.59 7.23
C ASP A 431 -18.37 -12.78 7.01
N VAL A 432 -18.00 -13.64 6.07
CA VAL A 432 -18.75 -14.85 5.76
C VAL A 432 -17.82 -16.03 5.93
N ILE A 433 -18.18 -16.94 6.83
CA ILE A 433 -17.38 -18.13 7.13
C ILE A 433 -17.90 -19.29 6.32
N VAL A 434 -17.02 -19.96 5.59
CA VAL A 434 -17.40 -21.10 4.76
C VAL A 434 -16.71 -22.33 5.32
N HIS A 435 -17.48 -23.40 5.54
CA HIS A 435 -16.86 -24.61 6.06
C HIS A 435 -17.56 -25.86 5.51
N ASP A 436 -16.81 -26.95 5.46
CA ASP A 436 -17.33 -28.20 4.95
C ASP A 436 -18.28 -28.83 5.96
N VAL A 437 -19.28 -29.54 5.45
CA VAL A 437 -20.27 -30.16 6.33
C VAL A 437 -19.66 -31.33 7.10
N ARG A 438 -18.63 -31.97 6.54
CA ARG A 438 -17.95 -33.05 7.23
C ARG A 438 -17.04 -32.56 8.34
N LEU A 439 -16.80 -31.25 8.44
CA LEU A 439 -15.90 -30.71 9.46
C LEU A 439 -16.45 -30.96 10.85
N VAL A 440 -15.57 -31.40 11.74
CA VAL A 440 -15.90 -31.51 13.16
C VAL A 440 -15.72 -30.13 13.78
N HIS A 441 -16.83 -29.50 14.17
CA HIS A 441 -16.80 -28.12 14.64
C HIS A 441 -17.65 -27.97 15.89
N GLY A 442 -17.34 -26.94 16.66
CA GLY A 442 -18.06 -26.66 17.88
C GLY A 442 -17.69 -25.29 18.41
N SER A 443 -18.06 -25.05 19.66
CA SER A 443 -17.75 -23.79 20.32
C SER A 443 -18.00 -23.93 21.81
N GLY A 444 -17.48 -22.96 22.57
CA GLY A 444 -17.81 -22.81 23.97
C GLY A 444 -18.93 -21.81 24.15
N PRO A 445 -19.21 -21.44 25.39
CA PRO A 445 -20.30 -20.49 25.65
C PRO A 445 -19.84 -19.04 25.60
N ASN A 446 -20.83 -18.15 25.53
CA ASN A 446 -20.60 -16.71 25.54
C ASN A 446 -20.95 -16.17 26.93
N PRO A 447 -19.97 -15.91 27.79
CA PRO A 447 -20.26 -15.38 29.14
C PRO A 447 -20.14 -13.87 29.26
N SER A 448 -20.10 -13.13 28.14
CA SER A 448 -19.87 -11.70 28.16
C SER A 448 -21.17 -10.95 27.86
N ASP A 449 -21.04 -9.63 27.64
CA ASP A 449 -22.19 -8.77 27.44
C ASP A 449 -22.65 -8.74 25.99
N GLN A 450 -21.79 -9.09 25.04
CA GLN A 450 -22.14 -8.99 23.63
C GLN A 450 -23.03 -10.16 23.19
N TRP A 451 -23.89 -9.88 22.22
CA TRP A 451 -24.60 -10.93 21.50
C TRP A 451 -23.63 -11.66 20.57
N ARG A 452 -24.16 -12.67 19.87
CA ARG A 452 -23.38 -13.29 18.78
C ARG A 452 -24.39 -13.98 17.85
N ARG A 453 -24.86 -13.24 16.85
CA ARG A 453 -25.86 -13.73 15.91
C ARG A 453 -25.19 -14.08 14.59
N THR A 454 -25.65 -15.16 13.96
CA THR A 454 -25.05 -15.60 12.70
C THR A 454 -26.11 -16.29 11.84
N ILE A 455 -26.06 -16.03 10.54
CA ILE A 455 -26.98 -16.63 9.57
C ILE A 455 -26.26 -17.75 8.85
N VAL A 456 -26.77 -18.97 8.97
CA VAL A 456 -26.15 -20.16 8.38
C VAL A 456 -27.02 -20.63 7.21
N ILE A 457 -26.42 -20.75 6.04
CA ILE A 457 -27.10 -21.24 4.84
C ILE A 457 -26.27 -22.36 4.24
N GLU A 458 -26.93 -23.45 3.86
CA GLU A 458 -26.26 -24.63 3.35
C GLU A 458 -26.41 -24.70 1.83
N PHE A 459 -25.27 -24.73 1.13
CA PHE A 459 -25.23 -24.82 -0.32
C PHE A 459 -24.66 -26.16 -0.74
N ALA A 460 -25.31 -26.80 -1.71
CA ALA A 460 -24.95 -28.15 -2.13
C ALA A 460 -25.07 -28.28 -3.64
N ASN A 461 -24.32 -29.22 -4.18
CA ASN A 461 -24.44 -29.58 -5.59
C ASN A 461 -25.73 -30.37 -5.79
N PRO A 462 -26.55 -30.05 -6.80
CA PRO A 462 -27.82 -30.77 -6.99
C PRO A 462 -27.68 -32.28 -7.13
N ALA A 463 -26.48 -32.80 -7.33
CA ALA A 463 -26.29 -34.25 -7.35
C ALA A 463 -26.20 -34.80 -5.93
N HIS B 8 49.96 49.26 -27.91
CA HIS B 8 49.66 47.83 -27.89
C HIS B 8 48.34 47.56 -27.19
N HIS B 9 48.03 48.38 -26.18
CA HIS B 9 46.81 48.21 -25.41
C HIS B 9 45.67 48.98 -26.07
N HIS B 10 44.81 49.58 -25.25
CA HIS B 10 43.69 50.41 -25.72
C HIS B 10 42.78 49.68 -26.69
N SER B 11 42.84 48.35 -26.73
CA SER B 11 42.13 47.55 -27.74
C SER B 11 41.05 46.74 -27.04
N SER B 12 40.95 45.43 -27.26
CA SER B 12 39.85 44.65 -26.69
C SER B 12 40.24 43.20 -26.45
N GLY B 13 39.33 42.28 -26.77
CA GLY B 13 39.57 40.86 -26.62
C GLY B 13 38.65 40.02 -27.47
N LEU B 14 39.13 39.58 -28.62
CA LEU B 14 38.37 38.74 -29.55
C LEU B 14 37.05 39.41 -29.96
N MET B 22 32.92 41.30 -23.44
CA MET B 22 33.66 41.65 -22.23
C MET B 22 35.15 41.40 -22.42
N ASP B 23 35.97 42.39 -22.09
CA ASP B 23 37.41 42.28 -22.29
C ASP B 23 37.99 41.26 -21.32
N ARG B 24 39.01 40.53 -21.79
CA ARG B 24 39.64 39.51 -20.96
C ARG B 24 40.29 40.10 -19.71
N ARG B 25 40.71 41.36 -19.78
CA ARG B 25 41.22 42.03 -18.58
C ARG B 25 40.15 42.16 -17.52
N GLU B 26 38.93 42.55 -17.92
CA GLU B 26 37.84 42.69 -16.96
C GLU B 26 37.37 41.33 -16.45
N ILE B 27 37.27 40.33 -17.32
CA ILE B 27 36.95 38.98 -16.89
C ILE B 27 37.97 38.51 -15.86
N GLN B 28 39.25 38.80 -16.10
CA GLN B 28 40.28 38.44 -15.12
C GLN B 28 40.09 39.19 -13.81
N ARG B 29 39.72 40.47 -13.89
CA ARG B 29 39.54 41.26 -12.66
C ARG B 29 38.40 40.69 -11.82
N ARG B 30 37.23 40.49 -12.43
CA ARG B 30 36.09 40.00 -11.66
C ARG B 30 36.26 38.55 -11.24
N ALA B 31 37.03 37.77 -12.01
CA ALA B 31 37.33 36.40 -11.59
C ALA B 31 38.25 36.37 -10.39
N LYS B 32 39.30 37.20 -10.40
CA LYS B 32 40.19 37.31 -9.25
C LYS B 32 39.48 37.94 -8.06
N GLU B 33 38.43 38.72 -8.30
CA GLU B 33 37.71 39.38 -7.22
C GLU B 33 36.84 38.41 -6.43
N LEU B 34 36.35 37.35 -7.07
CA LEU B 34 35.46 36.40 -6.45
C LEU B 34 36.16 35.17 -5.89
N GLU B 35 37.49 35.15 -5.91
CA GLU B 35 38.25 34.01 -5.40
C GLU B 35 37.96 33.77 -3.92
N PRO B 36 38.14 32.53 -3.43
CA PRO B 36 38.63 31.34 -4.15
C PRO B 36 37.54 30.58 -4.90
N TRP B 37 37.94 29.92 -5.99
CA TRP B 37 37.05 29.08 -6.78
C TRP B 37 37.30 27.62 -6.43
N VAL B 38 36.22 26.84 -6.33
CA VAL B 38 36.36 25.44 -5.94
C VAL B 38 36.70 24.58 -7.16
N ASN B 39 36.14 24.89 -8.33
CA ASN B 39 36.47 24.21 -9.56
C ASN B 39 37.38 25.06 -10.44
N GLY B 40 37.84 26.21 -9.96
CA GLY B 40 38.57 27.13 -10.78
C GLY B 40 37.65 27.90 -11.70
N PHE B 41 38.25 28.60 -12.65
CA PHE B 41 37.48 29.31 -13.66
C PHE B 41 38.31 29.34 -14.92
N GLU B 42 37.86 28.60 -15.92
CA GLU B 42 38.42 28.59 -17.27
C GLU B 42 37.41 29.23 -18.23
N PHE B 43 37.93 29.91 -19.25
CA PHE B 43 37.07 30.53 -20.25
C PHE B 43 37.84 30.68 -21.55
N GLU B 44 37.36 30.01 -22.60
CA GLU B 44 37.94 30.10 -23.94
C GLU B 44 39.43 29.75 -23.93
N GLY B 45 39.78 28.69 -23.19
CA GLY B 45 41.12 28.17 -23.20
C GLY B 45 42.02 28.68 -22.10
N ILE B 46 41.85 29.95 -21.72
CA ILE B 46 42.75 30.57 -20.75
C ILE B 46 42.30 30.19 -19.35
N ARG B 47 43.24 29.78 -18.52
CA ARG B 47 42.97 29.41 -17.13
C ARG B 47 43.03 30.68 -16.27
N TYR B 48 41.87 31.12 -15.78
CA TYR B 48 41.85 32.32 -14.96
C TYR B 48 41.96 32.02 -13.46
N ALA B 49 41.33 30.95 -12.99
CA ALA B 49 41.39 30.63 -11.57
C ALA B 49 41.57 29.13 -11.38
N GLU B 50 42.21 28.78 -10.28
CA GLU B 50 42.49 27.38 -9.97
C GLU B 50 41.48 26.82 -8.97
N ASP B 61 32.90 16.60 -15.86
CA ASP B 61 32.49 16.89 -17.23
C ASP B 61 31.03 17.33 -17.26
N PRO B 62 30.79 18.63 -17.11
CA PRO B 62 29.39 19.10 -16.97
C PRO B 62 28.61 19.02 -18.27
N ALA B 63 29.25 19.29 -19.41
CA ALA B 63 28.54 19.19 -20.69
C ALA B 63 28.13 17.74 -20.96
N ASP B 64 28.98 16.79 -20.61
CA ASP B 64 28.66 15.38 -20.80
C ASP B 64 27.45 14.97 -19.98
N ARG B 65 27.47 15.27 -18.67
CA ARG B 65 26.35 14.91 -17.81
C ARG B 65 25.09 15.69 -18.15
N ALA B 66 25.22 16.88 -18.72
CA ALA B 66 24.04 17.64 -19.13
C ALA B 66 23.41 17.02 -20.38
N ARG B 67 24.24 16.65 -21.35
CA ARG B 67 23.75 15.96 -22.54
C ARG B 67 23.13 14.61 -22.18
N ALA B 68 23.69 13.92 -21.19
CA ALA B 68 23.05 12.71 -20.70
C ALA B 68 21.72 13.04 -20.03
N PHE B 69 21.67 14.17 -19.32
CA PHE B 69 20.45 14.59 -18.64
C PHE B 69 19.32 14.82 -19.65
N TYR B 70 19.63 15.50 -20.75
CA TYR B 70 18.62 15.68 -21.79
C TYR B 70 18.36 14.40 -22.56
N GLU B 71 19.32 13.47 -22.58
CA GLU B 71 19.03 12.14 -23.13
C GLU B 71 17.99 11.42 -22.28
N ALA B 72 17.98 11.67 -20.97
CA ALA B 72 16.96 11.09 -20.11
C ALA B 72 15.65 11.86 -20.18
N PHE B 73 15.72 13.19 -20.25
CA PHE B 73 14.54 14.06 -20.29
C PHE B 73 14.60 14.92 -21.53
N PRO B 74 14.04 14.46 -22.66
CA PRO B 74 14.23 15.17 -23.93
C PRO B 74 13.39 16.43 -24.08
N GLY B 75 12.20 16.45 -23.48
CA GLY B 75 11.30 17.58 -23.65
C GLY B 75 11.31 18.59 -22.53
N ALA B 76 12.45 18.72 -21.84
CA ALA B 76 12.53 19.58 -20.67
C ALA B 76 12.74 21.04 -21.09
N THR B 77 11.84 21.91 -20.65
CA THR B 77 11.95 23.35 -20.89
C THR B 77 11.81 24.16 -19.60
N ARG B 78 11.80 23.50 -18.44
CA ARG B 78 11.67 24.13 -17.13
C ARG B 78 12.44 23.27 -16.14
N ILE B 79 13.76 23.34 -16.24
CA ILE B 79 14.65 22.54 -15.41
C ILE B 79 15.00 23.29 -14.12
N LEU B 80 15.30 22.51 -13.09
CA LEU B 80 15.61 23.05 -11.76
C LEU B 80 16.83 22.33 -11.22
N GLU B 81 17.95 23.04 -11.09
CA GLU B 81 19.13 22.45 -10.47
C GLU B 81 19.14 22.72 -8.97
N LEU B 82 19.66 21.75 -8.22
CA LEU B 82 19.83 21.87 -6.78
C LEU B 82 21.32 21.89 -6.49
N GLY B 83 21.74 22.83 -5.63
CA GLY B 83 23.14 22.93 -5.28
C GLY B 83 23.97 23.35 -6.47
N ALA B 84 23.79 24.57 -6.94
CA ALA B 84 24.44 25.03 -8.17
C ALA B 84 25.62 25.94 -7.83
N LEU B 85 26.62 25.34 -7.19
CA LEU B 85 27.85 26.04 -6.90
C LEU B 85 28.61 26.32 -8.20
N GLU B 86 29.06 27.57 -8.36
CA GLU B 86 29.84 28.02 -9.51
C GLU B 86 29.04 27.98 -10.80
N GLY B 87 27.84 27.40 -10.77
CA GLY B 87 26.98 27.34 -11.94
C GLY B 87 27.51 26.52 -13.09
N ALA B 88 28.45 25.62 -12.85
CA ALA B 88 28.99 24.79 -13.93
C ALA B 88 27.90 23.95 -14.59
N ASP B 89 27.16 23.20 -13.79
CA ASP B 89 26.10 22.37 -14.34
C ASP B 89 24.93 23.21 -14.83
N THR B 90 24.64 24.32 -14.14
CA THR B 90 23.58 25.22 -14.59
C THR B 90 23.86 25.71 -16.00
N LEU B 91 25.05 26.28 -16.21
CA LEU B 91 25.46 26.72 -17.53
C LEU B 91 25.42 25.58 -18.53
N ALA B 92 25.86 24.39 -18.12
CA ALA B 92 25.82 23.23 -19.01
C ALA B 92 24.41 22.93 -19.47
N LEU B 93 23.44 22.99 -18.55
CA LEU B 93 22.04 22.71 -18.88
C LEU B 93 21.37 23.84 -19.65
N ALA B 94 21.91 25.06 -19.59
CA ALA B 94 21.29 26.19 -20.26
C ALA B 94 21.60 26.28 -21.75
N ARG B 95 22.43 25.38 -22.27
CA ARG B 95 22.81 25.46 -23.68
C ARG B 95 21.63 25.13 -24.60
N GLN B 96 20.83 24.14 -24.24
CA GLN B 96 19.73 23.71 -25.09
C GLN B 96 18.70 24.83 -25.24
N PRO B 97 18.25 25.13 -26.46
CA PRO B 97 17.38 26.29 -26.66
C PRO B 97 15.99 26.08 -26.10
N GLY B 98 15.30 27.21 -25.87
CA GLY B 98 13.97 27.17 -25.30
C GLY B 98 13.91 26.73 -23.85
N THR B 99 15.05 26.70 -23.17
CA THR B 99 15.13 26.21 -21.81
C THR B 99 15.12 27.35 -20.81
N SER B 100 14.41 27.16 -19.70
CA SER B 100 14.44 28.07 -18.56
C SER B 100 14.95 27.28 -17.35
N ILE B 101 15.91 27.86 -16.63
CA ILE B 101 16.57 27.16 -15.54
C ILE B 101 16.47 27.98 -14.26
N LEU B 102 16.17 27.28 -13.16
CA LEU B 102 16.26 27.83 -11.82
C LEU B 102 17.31 27.03 -11.06
N GLY B 103 18.33 27.72 -10.55
CA GLY B 103 19.39 27.07 -9.81
C GLY B 103 19.48 27.55 -8.38
N LEU B 104 19.33 26.64 -7.43
CA LEU B 104 19.34 26.98 -6.01
C LEU B 104 20.73 26.72 -5.43
N GLU B 105 21.21 27.65 -4.62
CA GLU B 105 22.51 27.53 -3.99
C GLU B 105 22.40 27.86 -2.51
N GLY B 106 23.23 27.20 -1.71
CA GLY B 106 23.22 27.35 -0.27
C GLY B 106 24.10 28.48 0.26
N ARG B 107 25.27 28.65 -0.33
CA ARG B 107 26.21 29.69 0.07
C ARG B 107 26.19 30.82 -0.95
N GLU B 108 26.15 32.06 -0.47
CA GLU B 108 26.00 33.21 -1.36
C GLU B 108 27.28 33.53 -2.11
N GLU B 109 28.44 33.14 -1.58
CA GLU B 109 29.69 33.28 -2.33
C GLU B 109 29.60 32.55 -3.67
N ASN B 110 29.33 31.24 -3.61
CA ASN B 110 29.11 30.45 -4.82
C ASN B 110 28.00 31.05 -5.67
N LEU B 111 27.01 31.68 -5.04
CA LEU B 111 25.92 32.29 -5.80
C LEU B 111 26.44 33.44 -6.66
N ARG B 112 27.26 34.32 -6.09
CA ARG B 112 27.81 35.42 -6.87
C ARG B 112 28.79 34.93 -7.92
N ARG B 113 29.55 33.87 -7.63
CA ARG B 113 30.41 33.28 -8.64
C ARG B 113 29.60 32.76 -9.82
N ALA B 114 28.51 32.05 -9.53
CA ALA B 114 27.67 31.50 -10.59
C ALA B 114 27.02 32.62 -11.40
N GLU B 115 26.46 33.61 -10.72
CA GLU B 115 25.91 34.78 -11.42
C GLU B 115 26.95 35.41 -12.33
N PHE B 116 28.21 35.46 -11.87
CA PHE B 116 29.28 35.96 -12.72
C PHE B 116 29.45 35.09 -13.97
N VAL B 117 29.48 33.77 -13.79
CA VAL B 117 29.65 32.87 -14.93
C VAL B 117 28.53 33.07 -15.94
N MET B 118 27.29 33.17 -15.47
CA MET B 118 26.16 33.43 -16.36
C MET B 118 26.31 34.77 -17.06
N GLU B 119 26.85 35.77 -16.36
CA GLU B 119 27.07 37.08 -16.98
C GLU B 119 28.10 36.99 -18.09
N VAL B 120 29.15 36.17 -17.90
CA VAL B 120 30.20 36.06 -18.90
C VAL B 120 29.69 35.30 -20.12
N HIS B 121 29.16 34.10 -19.91
CA HIS B 121 28.71 33.29 -21.03
C HIS B 121 27.43 33.81 -21.67
N GLY B 122 26.82 34.87 -21.11
CA GLY B 122 25.63 35.42 -21.71
C GLY B 122 24.39 34.57 -21.56
N ALA B 123 24.37 33.68 -20.57
CA ALA B 123 23.20 32.82 -20.34
C ALA B 123 22.06 33.61 -19.72
N THR B 124 21.22 34.22 -20.56
CA THR B 124 20.12 35.04 -20.08
C THR B 124 18.90 34.24 -19.68
N ASN B 125 18.92 32.91 -19.85
CA ASN B 125 17.80 32.05 -19.50
C ASN B 125 18.07 31.25 -18.23
N VAL B 126 18.70 31.88 -17.24
CA VAL B 126 19.05 31.24 -15.98
C VAL B 126 18.78 32.21 -14.84
N GLU B 127 18.05 31.75 -13.83
CA GLU B 127 17.89 32.48 -12.58
C GLU B 127 18.51 31.69 -11.46
N LEU B 128 19.38 32.34 -10.68
CA LEU B 128 20.04 31.71 -9.54
C LEU B 128 19.48 32.31 -8.25
N ARG B 129 18.99 31.45 -7.37
CA ARG B 129 18.43 31.87 -6.09
C ARG B 129 19.21 31.27 -4.93
N ILE B 130 19.28 32.03 -3.85
CA ILE B 130 19.88 31.58 -2.61
C ILE B 130 18.78 30.97 -1.74
N ALA B 131 18.90 29.67 -1.44
CA ALA B 131 17.90 28.99 -0.64
C ALA B 131 18.49 27.71 -0.07
N ASP B 132 18.23 27.47 1.21
CA ASP B 132 18.63 26.22 1.85
C ASP B 132 17.55 25.19 1.60
N VAL B 133 17.89 24.12 0.86
CA VAL B 133 16.93 23.09 0.51
C VAL B 133 16.43 22.29 1.71
N GLU B 134 17.07 22.44 2.87
CA GLU B 134 16.68 21.64 4.03
C GLU B 134 15.51 22.27 4.78
N THR B 135 15.34 23.58 4.68
CA THR B 135 14.23 24.29 5.33
C THR B 135 13.47 25.13 4.32
N LEU B 136 13.32 24.62 3.10
CA LEU B 136 12.66 25.33 2.02
C LEU B 136 11.29 24.72 1.74
N ASP B 137 10.31 25.58 1.52
CA ASP B 137 8.96 25.15 1.12
C ASP B 137 8.96 25.00 -0.40
N PHE B 138 9.13 23.76 -0.88
CA PHE B 138 9.31 23.52 -2.31
C PHE B 138 8.08 23.86 -3.13
N ALA B 139 6.91 24.01 -2.51
CA ALA B 139 5.71 24.34 -3.25
C ALA B 139 5.76 25.73 -3.86
N THR B 140 6.56 26.64 -3.29
CA THR B 140 6.64 28.01 -3.80
C THR B 140 7.30 28.06 -5.16
N LEU B 141 8.23 27.14 -5.44
CA LEU B 141 8.98 27.19 -6.70
C LEU B 141 8.09 26.94 -7.91
N GLY B 142 7.03 26.16 -7.75
CA GLY B 142 6.16 25.79 -8.84
C GLY B 142 6.36 24.34 -9.26
N ARG B 143 6.00 24.07 -10.51
CA ARG B 143 6.16 22.75 -11.10
C ARG B 143 7.30 22.77 -12.11
N PHE B 144 8.13 21.73 -12.09
CA PHE B 144 9.27 21.61 -12.97
C PHE B 144 9.22 20.29 -13.73
N ASP B 145 9.77 20.30 -14.94
CA ASP B 145 9.81 19.09 -15.75
C ASP B 145 10.79 18.07 -15.16
N ALA B 146 12.05 18.48 -15.01
CA ALA B 146 13.08 17.61 -14.47
C ALA B 146 13.89 18.35 -13.41
N VAL B 147 14.51 17.59 -12.52
CA VAL B 147 15.30 18.12 -11.43
C VAL B 147 16.66 17.43 -11.44
N LEU B 148 17.72 18.21 -11.34
CA LEU B 148 19.08 17.68 -11.34
C LEU B 148 19.64 17.71 -9.92
N CYS B 149 19.94 16.53 -9.38
CA CYS B 149 20.56 16.42 -8.06
C CYS B 149 21.94 15.78 -8.25
N ALA B 150 22.93 16.62 -8.53
CA ALA B 150 24.29 16.18 -8.83
C ALA B 150 25.15 16.40 -7.60
N GLY B 151 25.41 15.33 -6.85
CA GLY B 151 26.36 15.38 -5.76
C GLY B 151 26.02 16.33 -4.62
N LEU B 152 24.86 16.14 -3.99
CA LEU B 152 24.54 16.89 -2.78
C LEU B 152 23.62 16.05 -1.89
N LEU B 153 23.12 14.94 -2.42
CA LEU B 153 22.27 14.05 -1.63
C LEU B 153 22.98 13.59 -0.37
N TYR B 154 24.31 13.45 -0.42
CA TYR B 154 25.12 13.07 0.73
C TYR B 154 25.53 14.28 1.57
N HIS B 155 24.84 15.41 1.45
CA HIS B 155 25.05 16.56 2.30
C HIS B 155 23.90 16.85 3.23
N VAL B 156 22.72 16.33 2.95
CA VAL B 156 21.54 16.51 3.80
C VAL B 156 21.57 15.46 4.90
N ARG B 157 21.04 15.83 6.07
CA ARG B 157 20.97 14.89 7.18
C ARG B 157 19.83 13.89 7.01
N GLU B 158 18.85 14.19 6.16
CA GLU B 158 17.80 13.23 5.80
C GLU B 158 17.56 13.33 4.30
N PRO B 159 18.28 12.53 3.51
CA PRO B 159 18.18 12.66 2.05
C PRO B 159 16.84 12.22 1.49
N TRP B 160 16.17 11.27 2.14
CA TRP B 160 14.85 10.81 1.67
C TRP B 160 13.87 11.98 1.58
N ALA B 161 13.86 12.86 2.58
CA ALA B 161 12.98 14.02 2.52
C ALA B 161 13.35 14.94 1.38
N LEU B 162 14.64 15.02 1.04
CA LEU B 162 15.05 15.80 -0.12
C LEU B 162 14.51 15.19 -1.41
N LEU B 163 14.52 13.86 -1.51
CA LEU B 163 13.98 13.21 -2.71
C LEU B 163 12.47 13.40 -2.79
N LYS B 164 11.78 13.35 -1.64
CA LYS B 164 10.35 13.62 -1.63
C LYS B 164 10.06 15.04 -2.08
N ASP B 165 10.81 16.00 -1.54
CA ASP B 165 10.66 17.39 -1.96
C ASP B 165 10.94 17.56 -3.45
N ALA B 166 11.85 16.74 -4.00
CA ALA B 166 12.07 16.75 -5.44
C ALA B 166 10.86 16.21 -6.19
N ALA B 167 10.19 15.19 -5.65
CA ALA B 167 9.06 14.59 -6.35
C ALA B 167 7.89 15.56 -6.51
N ARG B 168 7.67 16.45 -5.55
CA ARG B 168 6.57 17.40 -5.63
C ARG B 168 6.76 18.44 -6.73
N VAL B 169 7.92 18.49 -7.35
CA VAL B 169 8.21 19.49 -8.38
C VAL B 169 8.87 18.83 -9.59
N ALA B 171 8.88 16.10 -11.50
CA ALA B 171 8.35 14.93 -12.20
C ALA B 171 9.45 14.19 -12.94
N GLY B 172 10.58 13.99 -12.26
CA GLY B 172 11.73 13.35 -12.87
C GLY B 172 13.02 13.94 -12.36
N ILE B 173 14.02 13.09 -12.07
CA ILE B 173 15.25 13.53 -11.42
C ILE B 173 16.44 12.80 -12.04
N TYR B 174 17.52 13.55 -12.27
CA TYR B 174 18.81 13.00 -12.65
C TYR B 174 19.66 13.03 -11.38
N LEU B 175 19.76 11.90 -10.71
CA LEU B 175 20.48 11.80 -9.45
C LEU B 175 21.87 11.24 -9.71
N SER B 176 22.89 11.94 -9.20
CA SER B 176 24.28 11.50 -9.30
C SER B 176 24.86 11.59 -7.89
N THR B 177 24.92 10.45 -7.19
CA THR B 177 25.29 10.45 -5.78
C THR B 177 26.11 9.21 -5.47
N HIS B 178 26.53 9.11 -4.21
CA HIS B 178 27.30 7.99 -3.73
C HIS B 178 26.46 7.12 -2.80
N TYR B 179 26.94 5.90 -2.55
CA TYR B 179 26.32 5.03 -1.58
C TYR B 179 27.40 4.14 -0.98
N TRP B 180 27.06 3.43 0.08
CA TRP B 180 28.01 2.64 0.85
C TRP B 180 27.82 1.17 0.53
N GLY B 181 28.90 0.51 0.12
CA GLY B 181 28.86 -0.90 -0.23
C GLY B 181 28.93 -1.81 0.97
N SER B 182 27.98 -1.67 1.88
CA SER B 182 27.93 -2.49 3.10
C SER B 182 26.52 -2.44 3.65
N SER B 183 26.34 -2.96 4.86
CA SER B 183 25.06 -2.94 5.54
C SER B 183 25.27 -2.94 7.04
N ASP B 184 26.20 -3.78 7.51
CA ASP B 184 26.55 -3.82 8.92
C ASP B 184 27.26 -2.54 9.33
N GLY B 185 26.51 -1.56 9.83
CA GLY B 185 27.07 -0.30 10.23
C GLY B 185 26.06 0.84 10.22
N GLU B 187 22.91 2.71 10.87
CA GLU B 187 21.83 2.68 11.86
C GLU B 187 20.47 2.71 11.15
N THR B 188 19.49 3.44 11.69
CA THR B 188 18.16 3.47 11.06
C THR B 188 17.42 4.75 11.43
N LEU B 189 17.39 5.72 10.51
CA LEU B 189 16.68 6.97 10.68
C LEU B 189 15.44 6.92 9.79
N ASP B 190 14.27 6.89 10.42
CA ASP B 190 12.97 6.89 9.72
C ASP B 190 12.85 5.70 8.76
N GLY B 191 13.32 4.53 9.18
CA GLY B 191 13.15 3.33 8.40
C GLY B 191 14.25 3.04 7.39
N TYR B 192 15.18 3.97 7.19
CA TYR B 192 16.26 3.80 6.22
C TYR B 192 17.56 3.49 6.96
N SER B 193 18.32 2.55 6.42
CA SER B 193 19.59 2.16 7.02
C SER B 193 20.62 3.29 6.91
N LEU B 216 23.59 6.61 2.91
CA LEU B 216 22.65 5.53 2.63
C LEU B 216 23.35 4.35 1.96
N ASP B 217 22.82 3.15 2.20
CA ASP B 217 23.23 1.99 1.40
C ASP B 217 22.34 1.91 0.16
N ARG B 218 22.52 0.85 -0.62
CA ARG B 218 21.77 0.72 -1.87
C ARG B 218 20.29 0.53 -1.59
N ALA B 219 19.95 -0.37 -0.65
CA ALA B 219 18.55 -0.65 -0.35
C ALA B 219 17.80 0.59 0.11
N SER B 220 18.37 1.32 1.09
CA SER B 220 17.73 2.54 1.56
C SER B 220 17.71 3.63 0.50
N LEU B 221 18.65 3.60 -0.46
CA LEU B 221 18.62 4.58 -1.55
C LEU B 221 17.44 4.33 -2.47
N PHE B 222 17.36 3.11 -3.03
CA PHE B 222 16.26 2.80 -3.93
C PHE B 222 14.92 2.85 -3.21
N ALA B 223 14.91 2.55 -1.90
CA ALA B 223 13.68 2.67 -1.13
C ALA B 223 13.32 4.13 -0.88
N ALA B 224 14.32 5.01 -0.76
CA ALA B 224 14.04 6.43 -0.64
C ALA B 224 13.48 6.99 -1.93
N LEU B 225 14.04 6.59 -3.07
CA LEU B 225 13.50 7.00 -4.36
C LEU B 225 12.09 6.45 -4.56
N GLU B 226 11.85 5.21 -4.13
CA GLU B 226 10.52 4.63 -4.27
C GLU B 226 9.50 5.35 -3.41
N ASN B 227 9.83 5.56 -2.13
CA ASN B 227 8.92 6.25 -1.23
C ASN B 227 8.74 7.72 -1.60
N ALA B 228 9.69 8.32 -2.30
CA ALA B 228 9.53 9.71 -2.71
C ALA B 228 8.46 9.86 -3.79
N GLY B 229 8.29 8.85 -4.64
CA GLY B 229 7.30 8.90 -5.68
C GLY B 229 7.84 8.43 -7.02
N PHE B 230 9.17 8.37 -7.13
CA PHE B 230 9.84 7.96 -8.36
C PHE B 230 9.73 6.44 -8.47
N VAL B 231 8.72 5.98 -9.21
CA VAL B 231 8.49 4.54 -9.32
C VAL B 231 9.36 3.90 -10.40
N GLU B 232 9.86 4.68 -11.35
CA GLU B 232 10.68 4.13 -12.44
C GLU B 232 12.10 4.64 -12.27
N ILE B 233 12.99 3.73 -11.88
CA ILE B 233 14.41 4.03 -11.70
C ILE B 233 15.17 3.39 -12.85
N GLU B 234 16.07 4.16 -13.45
CA GLU B 234 16.90 3.69 -14.55
C GLU B 234 18.33 4.06 -14.22
N VAL B 235 19.17 3.06 -13.96
CA VAL B 235 20.56 3.30 -13.59
C VAL B 235 21.39 3.52 -14.84
N LEU B 236 22.10 4.65 -14.89
CA LEU B 236 22.98 4.94 -16.01
C LEU B 236 24.41 4.51 -15.71
N HIS B 237 24.87 4.68 -14.48
CA HIS B 237 26.26 4.35 -14.18
C HIS B 237 26.37 3.94 -12.72
N GLU B 238 27.32 3.06 -12.42
CA GLU B 238 27.50 2.62 -11.05
C GLU B 238 28.88 1.99 -10.90
N ARG B 239 29.55 2.30 -9.79
CA ARG B 239 30.82 1.68 -9.44
C ARG B 239 30.73 1.25 -7.98
N THR B 240 30.98 -0.04 -7.73
CA THR B 240 30.81 -0.63 -6.41
C THR B 240 32.16 -0.76 -5.69
N SER B 241 32.07 -0.90 -4.38
CA SER B 241 33.24 -1.05 -3.50
C SER B 241 32.74 -1.49 -2.14
N ALA B 242 33.69 -1.73 -1.22
CA ALA B 242 33.32 -2.08 0.14
C ALA B 242 32.97 -0.86 0.99
N GLU B 243 33.45 0.33 0.61
CA GLU B 243 33.18 1.54 1.36
C GLU B 243 32.53 2.54 0.41
N VAL B 244 33.25 3.53 -0.09
CA VAL B 244 32.64 4.55 -0.93
C VAL B 244 32.37 3.99 -2.31
N CYS B 245 31.13 4.14 -2.78
CA CYS B 245 30.72 3.71 -4.11
C CYS B 245 29.92 4.81 -4.78
N ASP B 246 29.84 4.74 -6.10
CA ASP B 246 29.19 5.78 -6.91
C ASP B 246 28.01 5.21 -7.68
N ILE B 247 27.04 6.07 -7.98
CA ILE B 247 25.87 5.67 -8.75
C ILE B 247 25.23 6.91 -9.36
N VAL B 248 24.74 6.74 -10.60
CA VAL B 248 24.02 7.76 -11.35
C VAL B 248 22.77 7.08 -11.90
N VAL B 249 21.59 7.52 -11.41
CA VAL B 249 20.30 6.96 -11.77
C VAL B 249 19.36 8.06 -12.26
N VAL B 250 18.37 7.66 -13.05
CA VAL B 250 17.30 8.52 -13.53
C VAL B 250 15.99 8.06 -12.91
N GLY B 251 15.15 9.01 -12.55
CA GLY B 251 13.88 8.71 -11.91
C GLY B 251 12.72 9.41 -12.58
N ARG B 252 11.63 8.65 -12.78
CA ARG B 252 10.39 9.16 -13.34
C ARG B 252 9.26 8.74 -12.40
N ALA B 253 8.49 9.72 -11.92
CA ALA B 253 7.38 9.44 -11.02
C ALA B 253 6.09 9.18 -11.79
N ARG B 254 5.01 8.91 -11.05
CA ARG B 254 3.68 8.75 -11.63
C ARG B 254 3.22 10.00 -12.39
N LEU B 255 3.84 10.25 -13.55
CA LEU B 255 3.62 11.43 -14.38
C LEU B 255 4.77 11.51 -15.39
N GLY B 256 5.97 11.17 -14.93
CA GLY B 256 7.11 11.16 -15.83
C GLY B 256 6.98 10.07 -16.87
N ALA B 257 6.64 8.85 -16.43
CA ALA B 257 6.38 7.77 -17.37
C ALA B 257 5.25 8.15 -18.35
N GLN B 258 4.23 8.85 -17.87
CA GLN B 258 3.17 9.30 -18.77
C GLN B 258 3.72 10.23 -19.85
N ILE B 259 4.64 11.12 -19.50
CA ILE B 259 5.28 11.96 -20.51
C ILE B 259 6.10 11.11 -21.46
N ARG B 260 6.77 10.08 -20.93
CA ARG B 260 7.60 9.22 -21.76
C ARG B 260 6.78 8.48 -22.80
N ARG B 261 5.64 7.90 -22.40
CA ARG B 261 4.80 7.20 -23.35
C ARG B 261 4.10 8.16 -24.29
N PHE B 262 3.71 9.34 -23.80
CA PHE B 262 3.12 10.35 -24.68
C PHE B 262 4.12 10.78 -25.75
N ARG B 263 5.41 10.77 -25.43
CA ARG B 263 6.42 11.15 -26.41
C ARG B 263 6.74 9.99 -27.35
N GLU B 264 6.76 8.77 -26.82
CA GLU B 264 7.08 7.60 -27.64
C GLU B 264 5.88 7.10 -28.41
N ASP B 265 4.79 6.80 -27.69
CA ASP B 265 3.59 6.27 -28.34
C ASP B 265 2.77 7.38 -29.01
N GLY B 266 2.60 8.51 -28.34
CA GLY B 266 1.81 9.61 -28.84
C GLY B 266 0.45 9.78 -28.19
N PHE B 267 0.18 9.08 -27.10
CA PHE B 267 -1.12 9.12 -26.42
C PHE B 267 -0.98 8.45 -25.07
N VAL B 268 -1.64 9.02 -24.07
CA VAL B 268 -1.55 8.56 -22.69
C VAL B 268 -2.86 8.86 -21.96
N ASN B 269 -3.29 7.92 -21.12
CA ASN B 269 -4.39 8.15 -20.19
C ASN B 269 -3.79 8.73 -18.91
N ALA B 270 -3.85 10.05 -18.78
CA ALA B 270 -3.19 10.75 -17.68
C ALA B 270 -4.08 10.84 -16.43
N GLY B 271 -5.08 9.98 -16.31
CA GLY B 271 -5.95 9.97 -15.16
C GLY B 271 -6.74 11.25 -15.01
N PRO B 272 -7.38 11.43 -13.86
CA PRO B 272 -8.13 12.65 -13.60
C PRO B 272 -7.20 13.78 -13.16
N VAL B 273 -7.80 14.97 -13.04
CA VAL B 273 -7.06 16.16 -12.62
C VAL B 273 -7.90 16.97 -11.63
N PHE B 274 -9.21 16.95 -11.80
CA PHE B 274 -10.10 17.79 -11.02
C PHE B 274 -10.36 17.21 -9.63
N ALA B 275 -10.62 18.10 -8.68
CA ALA B 275 -10.94 17.71 -7.30
C ALA B 275 -12.44 17.86 -7.10
N ASP B 276 -13.18 16.84 -7.56
CA ASP B 276 -14.63 16.71 -7.35
C ASP B 276 -15.44 17.81 -8.03
N ASP B 277 -16.76 17.65 -8.01
CA ASP B 277 -17.72 18.68 -8.43
C ASP B 277 -17.68 19.00 -9.91
N THR B 278 -16.60 19.63 -10.38
CA THR B 278 -16.60 20.25 -11.69
C THR B 278 -16.75 19.25 -12.84
N ILE B 279 -16.33 18.00 -12.64
CA ILE B 279 -16.48 17.01 -13.70
C ILE B 279 -17.95 16.69 -13.92
N ALA B 280 -18.68 16.41 -12.83
CA ALA B 280 -20.11 16.13 -12.94
C ALA B 280 -20.87 17.34 -13.46
N ARG B 281 -20.43 18.55 -13.13
CA ARG B 281 -21.05 19.74 -13.71
C ARG B 281 -20.81 19.80 -15.21
N LEU B 282 -19.60 19.45 -15.66
CA LEU B 282 -19.35 19.39 -17.10
C LEU B 282 -20.24 18.37 -17.78
N LYS B 283 -20.43 17.20 -17.16
CA LYS B 283 -21.31 16.19 -17.73
C LYS B 283 -22.74 16.69 -17.81
N ALA B 284 -23.21 17.35 -16.74
CA ALA B 284 -24.58 17.87 -16.73
C ALA B 284 -24.79 18.92 -17.81
N GLY B 285 -23.83 19.84 -17.96
CA GLY B 285 -23.93 20.83 -19.02
C GLY B 285 -23.88 20.20 -20.41
N ALA B 286 -23.07 19.15 -20.56
CA ALA B 286 -22.99 18.45 -21.84
C ALA B 286 -24.33 17.84 -22.21
N ILE B 287 -24.93 17.09 -21.28
CA ILE B 287 -26.27 16.54 -21.53
C ILE B 287 -27.26 17.67 -21.78
N ASP B 288 -27.08 18.81 -21.11
CA ASP B 288 -27.92 19.98 -21.37
C ASP B 288 -27.76 20.46 -22.80
N LEU B 289 -26.58 20.26 -23.41
CA LEU B 289 -26.41 20.63 -24.81
C LEU B 289 -27.00 19.59 -25.75
N ILE B 290 -26.85 18.30 -25.43
CA ILE B 290 -27.40 17.25 -26.29
C ILE B 290 -28.92 17.32 -26.32
N SER B 291 -29.54 17.70 -25.20
CA SER B 291 -30.99 17.80 -25.14
C SER B 291 -31.52 18.91 -26.04
N ARG B 292 -30.67 19.86 -26.46
CA ARG B 292 -31.12 20.91 -27.35
C ARG B 292 -31.54 20.34 -28.70
N PHE B 293 -30.71 19.46 -29.27
CA PHE B 293 -31.06 18.82 -30.53
C PHE B 293 -32.02 17.65 -30.31
N THR B 294 -31.83 16.89 -29.23
CA THR B 294 -32.66 15.70 -29.03
C THR B 294 -34.01 16.05 -28.44
N GLU B 295 -34.03 16.54 -27.19
CA GLU B 295 -35.29 16.76 -26.50
C GLU B 295 -36.04 17.99 -27.05
N HIS B 296 -35.31 19.03 -27.43
CA HIS B 296 -35.93 20.24 -27.94
C HIS B 296 -35.93 20.25 -29.47
N GLY B 297 -35.62 21.40 -30.06
CA GLY B 297 -35.55 21.52 -31.50
C GLY B 297 -34.49 22.50 -31.96
N HIS B 298 -33.23 22.22 -31.62
CA HIS B 298 -32.13 23.10 -31.92
C HIS B 298 -31.49 22.75 -33.26
N VAL B 299 -30.88 23.75 -33.89
CA VAL B 299 -30.20 23.57 -35.18
C VAL B 299 -29.26 24.75 -35.40
N SER B 300 -28.01 24.45 -35.79
CA SER B 300 -27.03 25.46 -36.11
C SER B 300 -25.89 24.80 -36.87
N ASP B 301 -24.94 25.63 -37.32
CA ASP B 301 -23.80 25.11 -38.07
C ASP B 301 -22.82 24.34 -37.20
N ASP B 302 -22.91 24.49 -35.88
CA ASP B 302 -22.00 23.80 -34.96
C ASP B 302 -22.56 22.49 -34.44
N TYR B 303 -23.84 22.19 -34.71
CA TYR B 303 -24.43 20.91 -34.36
C TYR B 303 -24.28 20.00 -35.56
N TRP B 304 -23.13 19.31 -35.64
CA TRP B 304 -22.81 18.47 -36.78
C TRP B 304 -23.61 17.17 -36.69
N ASN B 305 -24.47 16.95 -37.70
CA ASN B 305 -25.41 15.85 -37.71
C ASN B 305 -25.47 15.25 -39.11
N TYR B 306 -25.98 14.03 -39.20
CA TYR B 306 -26.16 13.38 -40.50
C TYR B 306 -27.43 12.55 -40.56
N GLU B 309 -32.95 8.21 -42.91
CA GLU B 309 -34.38 7.92 -43.02
C GLU B 309 -35.01 7.70 -41.64
N ASN B 310 -36.24 8.19 -41.49
CA ASN B 310 -37.03 7.96 -40.27
C ASN B 310 -36.36 8.52 -39.03
N GLU B 311 -35.27 7.88 -38.62
CA GLU B 311 -34.56 8.29 -37.41
C GLU B 311 -34.08 9.73 -37.54
N ALA B 312 -34.11 10.46 -36.43
CA ALA B 312 -33.68 11.85 -36.42
C ALA B 312 -32.21 11.94 -36.83
N PRO B 313 -31.80 13.09 -37.34
CA PRO B 313 -30.37 13.26 -37.69
C PRO B 313 -29.49 13.00 -36.48
N VAL B 314 -28.43 12.22 -36.70
CA VAL B 314 -27.52 11.85 -35.63
C VAL B 314 -26.55 13.00 -35.39
N LEU B 315 -26.47 13.46 -34.15
CA LEU B 315 -25.54 14.49 -33.74
C LEU B 315 -24.27 13.84 -33.22
N TYR B 316 -23.12 14.26 -33.74
CA TYR B 316 -21.86 13.63 -33.35
C TYR B 316 -20.79 14.59 -32.86
N ARG B 317 -20.94 15.90 -33.05
CA ARG B 317 -19.92 16.84 -32.62
C ARG B 317 -20.53 18.21 -32.41
N ILE B 318 -20.25 18.82 -31.27
CA ILE B 318 -20.56 20.21 -31.00
C ILE B 318 -19.28 20.99 -31.20
N HIS B 319 -19.21 21.74 -32.31
CA HIS B 319 -18.05 22.53 -32.65
C HIS B 319 -18.12 23.89 -31.95
N ASN B 320 -16.95 24.43 -31.62
CA ASN B 320 -16.83 25.69 -30.89
C ASN B 320 -17.63 25.62 -29.57
N LEU B 321 -17.16 24.73 -28.70
CA LEU B 321 -17.87 24.47 -27.46
C LEU B 321 -17.78 25.65 -26.49
N GLU B 322 -16.68 26.41 -26.54
CA GLU B 322 -16.50 27.52 -25.61
C GLU B 322 -17.45 28.68 -25.91
N LYS B 323 -18.00 28.73 -27.13
CA LYS B 323 -18.85 29.83 -27.55
C LYS B 323 -20.34 29.56 -27.37
N GLN B 324 -20.73 28.31 -27.18
CA GLN B 324 -22.14 27.98 -27.05
C GLN B 324 -22.73 28.52 -25.74
N ASP B 325 -24.06 28.56 -25.68
CA ASP B 325 -24.76 29.00 -24.48
C ASP B 325 -24.56 28.00 -23.34
N TRP B 326 -23.55 28.25 -22.51
CA TRP B 326 -23.18 27.36 -21.42
C TRP B 326 -23.26 28.10 -20.10
N ALA B 327 -23.86 27.47 -19.10
CA ALA B 327 -23.70 27.93 -17.73
C ALA B 327 -22.41 27.42 -17.10
N GLU B 328 -21.74 26.46 -17.73
CA GLU B 328 -20.53 25.84 -17.19
C GLU B 328 -19.34 25.93 -18.15
N ARG B 329 -19.38 26.83 -19.13
CA ARG B 329 -18.23 26.97 -20.03
C ARG B 329 -17.03 27.58 -19.33
N GLU B 330 -17.23 28.27 -18.22
CA GLU B 330 -16.10 28.78 -17.44
C GLU B 330 -15.20 27.63 -17.00
N LEU B 331 -15.78 26.48 -16.68
CA LEU B 331 -15.01 25.31 -16.31
C LEU B 331 -14.08 24.83 -17.43
N LEU B 332 -14.30 25.29 -18.66
CA LEU B 332 -13.40 24.95 -19.75
C LEU B 332 -12.05 25.67 -19.61
N PHE B 333 -11.98 26.73 -18.82
CA PHE B 333 -10.76 27.50 -18.64
C PHE B 333 -10.09 27.24 -17.29
N ARG B 334 -10.31 26.06 -16.73
CA ARG B 334 -9.69 25.71 -15.46
C ARG B 334 -8.17 25.61 -15.62
N PRO B 335 -7.41 26.00 -14.60
CA PRO B 335 -5.94 25.97 -14.74
C PRO B 335 -5.35 24.57 -14.78
N GLU B 336 -6.06 23.55 -14.29
CA GLU B 336 -5.50 22.20 -14.29
C GLU B 336 -5.35 21.66 -15.71
N LEU B 337 -6.24 22.05 -16.62
CA LEU B 337 -6.16 21.57 -17.99
C LEU B 337 -4.94 22.13 -18.69
N ALA B 338 -4.81 23.46 -18.72
CA ALA B 338 -3.64 24.09 -19.33
C ALA B 338 -2.36 23.68 -18.62
N GLU B 339 -2.44 23.38 -17.31
CA GLU B 339 -1.24 22.92 -16.61
C GLU B 339 -0.85 21.51 -17.04
N LEU B 340 -1.83 20.63 -17.22
CA LEU B 340 -1.53 19.27 -17.71
C LEU B 340 -0.96 19.31 -19.12
N ALA B 341 -1.67 19.98 -20.04
CA ALA B 341 -1.15 20.12 -21.40
C ALA B 341 0.21 20.79 -21.41
N ALA B 342 0.46 21.70 -20.46
CA ALA B 342 1.79 22.29 -20.34
C ALA B 342 2.82 21.26 -19.91
N ALA B 343 2.46 20.39 -18.97
CA ALA B 343 3.41 19.37 -18.53
C ALA B 343 3.72 18.39 -19.64
N PHE B 344 2.77 18.15 -20.55
CA PHE B 344 3.01 17.19 -21.62
C PHE B 344 3.75 17.81 -22.81
N VAL B 345 3.43 19.05 -23.16
CA VAL B 345 4.05 19.69 -24.32
C VAL B 345 5.20 20.60 -23.86
N GLY B 346 4.87 21.85 -23.56
CA GLY B 346 5.83 22.82 -23.10
C GLY B 346 5.17 23.72 -22.08
N SER B 347 5.94 24.69 -21.59
CA SER B 347 5.39 25.39 -20.43
C SER B 347 4.27 26.37 -20.80
N PRO B 348 4.46 27.30 -21.77
CA PRO B 348 3.34 28.21 -22.09
C PRO B 348 2.41 27.66 -23.16
N VAL B 349 1.21 27.24 -22.75
CA VAL B 349 0.23 26.70 -23.68
C VAL B 349 -1.00 27.59 -23.71
N VAL B 350 -1.65 27.63 -24.87
CA VAL B 350 -2.88 28.41 -25.07
C VAL B 350 -3.92 27.51 -25.73
N PRO B 351 -5.16 27.47 -25.24
CA PRO B 351 -6.20 26.67 -25.91
C PRO B 351 -6.56 27.28 -27.25
N THR B 352 -6.59 26.44 -28.29
CA THR B 352 -6.83 26.89 -29.64
C THR B 352 -8.17 26.43 -30.22
N ALA B 353 -8.70 25.31 -29.74
CA ALA B 353 -9.97 24.80 -30.26
C ALA B 353 -10.69 24.04 -29.15
N PHE B 354 -12.03 24.19 -29.12
CA PHE B 354 -12.89 23.50 -28.17
C PHE B 354 -13.95 22.73 -28.95
N ALA B 355 -14.28 21.53 -28.48
CA ALA B 355 -15.29 20.72 -29.14
C ALA B 355 -15.80 19.67 -28.17
N LEU B 356 -16.97 19.12 -28.52
CA LEU B 356 -17.62 18.07 -27.72
C LEU B 356 -18.04 16.94 -28.64
N VAL B 357 -17.30 15.85 -28.63
CA VAL B 357 -17.59 14.70 -29.47
C VAL B 357 -18.55 13.77 -28.75
N LEU B 358 -19.50 13.22 -29.49
CA LEU B 358 -20.60 12.45 -28.94
C LEU B 358 -20.75 11.11 -29.65
N LYS B 359 -20.93 10.04 -28.88
CA LYS B 359 -21.29 8.73 -29.39
C LYS B 359 -22.63 8.34 -28.79
N GLU B 360 -23.68 8.46 -29.60
CA GLU B 360 -25.01 8.05 -29.21
C GLU B 360 -25.05 6.54 -28.94
N PRO B 361 -25.99 6.08 -28.12
CA PRO B 361 -26.15 4.63 -27.94
C PRO B 361 -26.63 3.97 -29.22
N LYS B 362 -26.11 2.77 -29.48
CA LYS B 362 -26.53 1.93 -30.59
C LYS B 362 -26.23 2.55 -31.96
N ARG B 363 -26.83 3.70 -32.27
CA ARG B 363 -26.78 4.22 -33.63
C ARG B 363 -25.43 4.80 -34.01
N ALA B 364 -24.59 5.16 -33.05
CA ALA B 364 -23.36 5.88 -33.36
C ALA B 364 -22.47 5.06 -34.28
N ALA B 365 -21.96 5.70 -35.32
CA ALA B 365 -21.05 5.06 -36.26
C ALA B 365 -19.60 5.34 -35.87
N GLY B 366 -18.69 4.64 -36.53
CA GLY B 366 -17.28 4.85 -36.27
C GLY B 366 -16.78 6.17 -36.81
N VAL B 367 -15.52 6.47 -36.49
CA VAL B 367 -14.84 7.67 -36.95
C VAL B 367 -13.65 7.25 -37.79
N PRO B 368 -13.53 7.73 -39.02
CA PRO B 368 -12.39 7.34 -39.86
C PRO B 368 -11.07 7.77 -39.27
N TRP B 369 -10.01 7.06 -39.66
CA TRP B 369 -8.68 7.33 -39.16
C TRP B 369 -8.08 8.53 -39.88
N HIS B 370 -7.31 9.34 -39.15
CA HIS B 370 -6.83 10.61 -39.68
C HIS B 370 -5.75 11.16 -38.75
N ARG B 371 -5.08 12.20 -39.23
CA ARG B 371 -4.27 13.08 -38.40
C ARG B 371 -4.98 14.41 -38.26
N ASP B 372 -5.05 14.93 -37.04
CA ASP B 372 -5.69 16.22 -36.82
C ASP B 372 -4.98 17.33 -37.60
N ARG B 373 -3.69 17.51 -37.36
CA ARG B 373 -2.90 18.51 -38.06
C ARG B 373 -1.53 17.93 -38.40
N ALA B 374 -1.00 18.31 -39.56
CA ALA B 374 0.28 17.80 -40.04
C ALA B 374 1.26 18.91 -40.42
N ASN B 375 0.91 20.16 -40.18
CA ASN B 375 1.80 21.29 -40.49
C ASN B 375 2.59 21.75 -39.28
N VAL B 376 2.65 20.94 -38.22
CA VAL B 376 3.38 21.29 -37.00
C VAL B 376 4.37 20.18 -36.69
N ALA B 377 5.37 20.52 -35.89
CA ALA B 377 6.39 19.57 -35.47
C ALA B 377 5.83 18.63 -34.42
N PRO B 378 6.43 17.44 -34.26
CA PRO B 378 5.98 16.53 -33.20
C PRO B 378 6.21 17.13 -31.83
N HIS B 379 5.32 16.78 -30.89
CA HIS B 379 5.38 17.22 -29.50
C HIS B 379 5.20 18.73 -29.36
N THR B 380 4.39 19.32 -30.23
CA THR B 380 4.14 20.76 -30.23
C THR B 380 2.70 21.12 -29.88
N VAL B 381 1.73 20.38 -30.41
CA VAL B 381 0.31 20.63 -30.15
C VAL B 381 -0.31 19.32 -29.67
N CYS B 382 -1.12 19.39 -28.61
CA CYS B 382 -1.72 18.20 -28.04
C CYS B 382 -3.21 18.41 -27.87
N ASN B 383 -3.92 17.28 -27.84
CA ASN B 383 -5.36 17.25 -27.55
C ASN B 383 -5.58 16.60 -26.20
N LEU B 384 -6.34 17.29 -25.35
CA LEU B 384 -6.85 16.75 -24.10
C LEU B 384 -8.30 16.33 -24.29
N SER B 385 -8.67 15.21 -23.68
CA SER B 385 -9.99 14.61 -23.86
C SER B 385 -10.51 14.25 -22.47
N ILE B 386 -11.39 15.09 -21.93
CA ILE B 386 -12.07 14.80 -20.68
C ILE B 386 -13.20 13.81 -21.00
N CYS B 387 -13.07 12.58 -20.51
CA CYS B 387 -14.03 11.52 -20.79
C CYS B 387 -15.17 11.61 -19.79
N LEU B 388 -16.36 11.97 -20.26
CA LEU B 388 -17.52 12.09 -19.40
C LEU B 388 -18.23 10.77 -19.17
N ASP B 389 -17.79 9.69 -19.83
CA ASP B 389 -18.38 8.38 -19.67
C ASP B 389 -17.29 7.32 -19.73
N THR B 390 -17.54 6.20 -19.07
CA THR B 390 -16.63 5.07 -19.13
C THR B 390 -16.62 4.48 -20.54
N ALA B 391 -15.42 4.22 -21.07
CA ALA B 391 -15.26 3.79 -22.45
C ALA B 391 -14.44 2.50 -22.51
N GLY B 392 -14.95 1.52 -23.23
CA GLY B 392 -14.23 0.29 -23.46
C GLY B 392 -14.03 0.05 -24.95
N PRO B 393 -13.30 -1.01 -25.30
CA PRO B 393 -13.12 -1.33 -26.72
C PRO B 393 -14.42 -1.54 -27.48
N GLU B 394 -15.43 -2.11 -26.83
CA GLU B 394 -16.74 -2.31 -27.44
C GLU B 394 -17.69 -1.15 -27.20
N ASN B 395 -17.15 0.02 -26.84
CA ASN B 395 -17.95 1.21 -26.62
C ASN B 395 -17.55 2.33 -27.57
N GLY B 396 -16.58 2.08 -28.45
CA GLY B 396 -16.11 3.06 -29.40
C GLY B 396 -14.97 3.90 -28.91
N CYS B 397 -14.14 3.39 -28.00
CA CYS B 397 -13.14 4.22 -27.35
C CYS B 397 -12.02 4.57 -28.32
N LEU B 398 -11.01 5.28 -27.79
CA LEU B 398 -9.90 5.73 -28.61
C LEU B 398 -9.10 4.53 -29.12
N GLU B 399 -8.68 4.62 -30.38
CA GLU B 399 -7.70 3.70 -30.92
C GLU B 399 -6.59 4.53 -31.56
N GLY B 400 -5.35 4.15 -31.29
CA GLY B 400 -4.21 4.83 -31.85
C GLY B 400 -3.19 3.85 -32.40
N VAL B 401 -2.37 4.34 -33.30
CA VAL B 401 -1.21 3.61 -33.82
C VAL B 401 0.03 4.21 -33.16
N PRO B 402 0.65 3.53 -32.21
CA PRO B 402 1.78 4.13 -31.49
C PRO B 402 2.92 4.49 -32.43
N GLY B 403 3.47 5.68 -32.22
CA GLY B 403 4.58 6.18 -33.03
C GLY B 403 4.19 6.80 -34.34
N SER B 404 2.91 6.74 -34.73
CA SER B 404 2.49 7.32 -36.00
C SER B 404 2.63 8.84 -36.03
N HIS B 405 2.70 9.48 -34.86
CA HIS B 405 2.89 10.93 -34.81
C HIS B 405 4.30 11.34 -35.23
N LEU B 406 5.24 10.40 -35.25
CA LEU B 406 6.62 10.68 -35.66
C LEU B 406 6.87 10.31 -37.11
N LEU B 407 5.81 10.20 -37.91
CA LEU B 407 5.92 9.93 -39.33
C LEU B 407 5.93 11.22 -40.12
N PRO B 408 6.43 11.21 -41.37
CA PRO B 408 6.51 12.45 -42.15
C PRO B 408 5.15 13.09 -42.42
N ASP B 409 5.16 14.24 -43.09
CA ASP B 409 3.93 14.98 -43.32
C ASP B 409 3.02 14.25 -44.31
N ASP B 410 3.55 13.91 -45.48
CA ASP B 410 2.80 13.12 -46.45
C ASP B 410 2.73 11.67 -45.95
N ILE B 411 1.51 11.18 -45.72
CA ILE B 411 1.31 9.86 -45.14
C ILE B 411 0.25 9.11 -45.93
N ASP B 412 0.23 7.78 -45.72
CA ASP B 412 -0.77 6.88 -46.28
C ASP B 412 -1.64 6.42 -45.12
N VAL B 413 -2.84 7.02 -44.99
CA VAL B 413 -3.68 6.76 -43.82
C VAL B 413 -4.13 5.31 -43.74
N PRO B 414 -4.65 4.69 -44.81
CA PRO B 414 -5.05 3.27 -44.69
C PRO B 414 -3.88 2.34 -44.42
N GLU B 415 -2.68 2.64 -44.93
CA GLU B 415 -1.53 1.79 -44.68
C GLU B 415 -1.18 1.77 -43.20
N ILE B 416 -1.08 2.95 -42.58
CA ILE B 416 -0.80 3.02 -41.15
C ILE B 416 -1.94 2.41 -40.35
N ARG B 417 -3.18 2.63 -40.79
CA ARG B 417 -4.33 2.09 -40.07
C ARG B 417 -4.31 0.58 -40.02
N ASP B 418 -4.39 -0.07 -41.19
CA ASP B 418 -4.49 -1.52 -41.24
C ASP B 418 -3.18 -2.20 -40.83
N GLY B 419 -2.05 -1.54 -41.06
CA GLY B 419 -0.78 -2.10 -40.63
C GLY B 419 -0.74 -2.35 -39.13
N GLY B 420 -1.07 -1.32 -38.35
CA GLY B 420 -1.19 -1.46 -36.91
C GLY B 420 0.09 -1.25 -36.14
N PRO B 421 0.07 -1.54 -34.83
CA PRO B 421 -1.13 -2.02 -34.12
C PRO B 421 -2.12 -0.90 -33.81
N ARG B 422 -3.41 -1.25 -33.79
CA ARG B 422 -4.48 -0.32 -33.45
C ARG B 422 -4.88 -0.60 -32.01
N VAL B 423 -4.27 0.12 -31.08
CA VAL B 423 -4.41 -0.15 -29.65
C VAL B 423 -5.46 0.78 -29.07
N PRO B 424 -6.40 0.28 -28.27
CA PRO B 424 -7.42 1.14 -27.66
C PRO B 424 -6.91 1.76 -26.36
N VAL B 425 -7.57 2.85 -25.98
CA VAL B 425 -7.24 3.59 -24.76
C VAL B 425 -8.46 3.54 -23.85
N PRO B 426 -8.57 2.56 -22.96
CA PRO B 426 -9.69 2.53 -22.02
C PRO B 426 -9.68 3.76 -21.12
N SER B 427 -10.86 4.16 -20.69
CA SER B 427 -11.02 5.38 -19.90
C SER B 427 -12.27 5.28 -19.05
N LYS B 428 -12.16 5.74 -17.81
CA LYS B 428 -13.31 5.91 -16.93
C LYS B 428 -13.76 7.37 -16.94
N VAL B 429 -14.97 7.60 -16.43
CA VAL B 429 -15.50 8.96 -16.33
C VAL B 429 -14.63 9.76 -15.38
N GLY B 430 -13.94 10.76 -15.92
CA GLY B 430 -12.99 11.57 -15.16
C GLY B 430 -11.58 11.55 -15.74
N ASP B 431 -11.19 10.44 -16.37
CA ASP B 431 -9.88 10.36 -16.98
C ASP B 431 -9.73 11.39 -18.10
N VAL B 432 -8.49 11.83 -18.31
CA VAL B 432 -8.16 12.80 -19.36
C VAL B 432 -7.12 12.16 -20.28
N ILE B 433 -7.46 12.00 -21.55
CA ILE B 433 -6.57 11.40 -22.53
C ILE B 433 -5.83 12.50 -23.26
N VAL B 434 -4.51 12.40 -23.32
CA VAL B 434 -3.67 13.38 -23.99
C VAL B 434 -3.01 12.70 -25.18
N HIS B 435 -3.11 13.32 -26.35
CA HIS B 435 -2.48 12.70 -27.52
C HIS B 435 -1.98 13.76 -28.48
N ASP B 436 -0.96 13.40 -29.25
CA ASP B 436 -0.36 14.32 -30.19
C ASP B 436 -1.26 14.51 -31.41
N VAL B 437 -1.21 15.70 -31.99
CA VAL B 437 -2.07 16.00 -33.14
C VAL B 437 -1.61 15.25 -34.38
N ARG B 438 -0.32 14.92 -34.45
CA ARG B 438 0.20 14.15 -35.58
C ARG B 438 -0.18 12.67 -35.49
N LEU B 439 -0.73 12.22 -34.36
CA LEU B 439 -1.07 10.82 -34.18
C LEU B 439 -2.16 10.40 -35.16
N VAL B 440 -1.97 9.24 -35.78
CA VAL B 440 -3.02 8.63 -36.60
C VAL B 440 -3.96 7.90 -35.65
N HIS B 441 -5.19 8.41 -35.52
CA HIS B 441 -6.12 7.92 -34.53
C HIS B 441 -7.49 7.73 -35.17
N GLY B 442 -8.30 6.90 -34.53
CA GLY B 442 -9.63 6.62 -35.02
C GLY B 442 -10.45 5.90 -33.97
N SER B 443 -11.56 5.32 -34.40
CA SER B 443 -12.42 4.58 -33.49
C SER B 443 -13.38 3.73 -34.30
N GLY B 444 -13.99 2.76 -33.62
CA GLY B 444 -15.09 2.02 -34.16
C GLY B 444 -16.41 2.60 -33.69
N PRO B 445 -17.51 1.93 -33.99
CA PRO B 445 -18.83 2.43 -33.58
C PRO B 445 -19.21 1.93 -32.19
N ASN B 446 -20.22 2.59 -31.62
CA ASN B 446 -20.76 2.20 -30.34
C ASN B 446 -22.09 1.48 -30.58
N PRO B 447 -22.12 0.15 -30.55
CA PRO B 447 -23.38 -0.59 -30.76
C PRO B 447 -24.11 -0.99 -29.49
N SER B 448 -23.76 -0.42 -28.34
CA SER B 448 -24.32 -0.86 -27.06
C SER B 448 -25.32 0.17 -26.55
N ASP B 449 -25.74 -0.01 -25.30
CA ASP B 449 -26.78 0.83 -24.70
C ASP B 449 -26.23 2.12 -24.11
N GLN B 450 -24.94 2.16 -23.79
CA GLN B 450 -24.36 3.32 -23.12
C GLN B 450 -24.12 4.46 -24.10
N TRP B 451 -24.20 5.69 -23.58
CA TRP B 451 -23.67 6.83 -24.29
C TRP B 451 -22.15 6.79 -24.26
N ARG B 452 -21.52 7.77 -24.92
CA ARG B 452 -20.09 7.98 -24.72
C ARG B 452 -19.75 9.39 -25.18
N ARG B 453 -19.66 10.30 -24.21
CA ARG B 453 -19.44 11.71 -24.46
C ARG B 453 -18.02 12.09 -24.06
N THR B 454 -17.40 12.99 -24.82
CA THR B 454 -16.02 13.37 -24.53
C THR B 454 -15.81 14.83 -24.94
N ILE B 455 -15.08 15.57 -24.09
CA ILE B 455 -14.76 16.97 -24.35
C ILE B 455 -13.32 17.06 -24.85
N VAL B 456 -13.14 17.57 -26.06
CA VAL B 456 -11.82 17.65 -26.69
C VAL B 456 -11.40 19.12 -26.74
N ILE B 457 -10.23 19.42 -26.17
CA ILE B 457 -9.65 20.75 -26.18
C ILE B 457 -8.23 20.67 -26.71
N GLU B 458 -7.88 21.60 -27.61
CA GLU B 458 -6.58 21.60 -28.27
C GLU B 458 -5.69 22.67 -27.65
N PHE B 459 -4.53 22.25 -27.14
CA PHE B 459 -3.55 23.14 -26.55
C PHE B 459 -2.29 23.18 -27.41
N ALA B 460 -1.78 24.39 -27.65
CA ALA B 460 -0.65 24.58 -28.54
C ALA B 460 0.29 25.65 -27.98
N ASN B 461 1.54 25.54 -28.38
CA ASN B 461 2.52 26.59 -28.06
C ASN B 461 2.25 27.82 -28.92
N PRO B 462 2.21 29.02 -28.34
CA PRO B 462 1.92 30.21 -29.14
C PRO B 462 2.86 30.43 -30.33
N ALA B 463 3.97 29.72 -30.39
CA ALA B 463 4.84 29.77 -31.56
C ALA B 463 4.31 28.87 -32.68
N HIS C 8 24.73 -28.55 65.11
CA HIS C 8 25.18 -28.05 63.82
C HIS C 8 24.03 -27.40 63.07
N HIS C 9 22.83 -27.95 63.25
CA HIS C 9 21.64 -27.44 62.58
C HIS C 9 20.99 -26.34 63.40
N HIS C 10 19.66 -26.28 63.41
CA HIS C 10 18.88 -25.31 64.17
C HIS C 10 19.26 -23.87 63.82
N SER C 11 19.96 -23.67 62.69
CA SER C 11 20.48 -22.36 62.32
C SER C 11 19.76 -21.85 61.07
N SER C 12 20.50 -21.42 60.04
CA SER C 12 19.88 -20.81 58.87
C SER C 12 20.71 -21.04 57.62
N GLY C 13 20.83 -20.02 56.77
CA GLY C 13 21.61 -20.13 55.55
C GLY C 13 22.02 -18.80 54.96
N LEU C 14 23.27 -18.40 55.20
CA LEU C 14 23.82 -17.13 54.70
C LEU C 14 22.98 -15.93 55.13
N MET C 22 15.18 -17.03 52.91
CA MET C 22 14.68 -18.39 52.86
C MET C 22 15.84 -19.38 52.99
N ASP C 23 15.69 -20.35 53.89
CA ASP C 23 16.77 -21.30 54.17
C ASP C 23 17.00 -22.21 52.98
N ARG C 24 18.27 -22.57 52.76
CA ARG C 24 18.62 -23.41 51.62
C ARG C 24 17.97 -24.79 51.73
N ARG C 25 17.67 -25.25 52.94
CA ARG C 25 16.92 -26.49 53.08
C ARG C 25 15.53 -26.35 52.47
N GLU C 26 14.87 -25.23 52.73
CA GLU C 26 13.54 -24.99 52.17
C GLU C 26 13.63 -24.74 50.66
N ILE C 27 14.64 -24.01 50.22
CA ILE C 27 14.88 -23.84 48.79
C ILE C 27 15.00 -25.19 48.10
N GLN C 28 15.74 -26.11 48.73
CA GLN C 28 15.88 -27.45 48.18
C GLN C 28 14.55 -28.21 48.19
N ARG C 29 13.77 -28.07 49.26
CA ARG C 29 12.50 -28.78 49.35
C ARG C 29 11.54 -28.32 48.25
N ARG C 30 11.35 -27.01 48.12
CA ARG C 30 10.43 -26.50 47.11
C ARG C 30 10.97 -26.69 45.70
N ALA C 31 12.30 -26.74 45.55
CA ALA C 31 12.88 -27.01 44.23
C ALA C 31 12.62 -28.45 43.80
N LYS C 32 12.84 -29.40 44.72
CA LYS C 32 12.51 -30.80 44.42
C LYS C 32 11.00 -31.02 44.31
N GLU C 33 10.18 -30.16 44.91
CA GLU C 33 8.74 -30.34 44.85
C GLU C 33 8.19 -30.03 43.47
N LEU C 34 8.83 -29.12 42.74
CA LEU C 34 8.37 -28.68 41.43
C LEU C 34 9.04 -29.43 40.29
N GLU C 35 9.81 -30.47 40.57
CA GLU C 35 10.49 -31.25 39.55
C GLU C 35 9.49 -31.86 38.55
N PRO C 36 9.92 -32.13 37.31
CA PRO C 36 11.27 -31.93 36.75
C PRO C 36 11.51 -30.52 36.22
N TRP C 37 12.77 -30.07 36.26
CA TRP C 37 13.16 -28.78 35.72
C TRP C 37 13.82 -28.98 34.35
N VAL C 38 13.48 -28.10 33.41
CA VAL C 38 14.02 -28.22 32.05
C VAL C 38 15.38 -27.53 31.93
N ASN C 39 15.58 -26.41 32.62
CA ASN C 39 16.87 -25.74 32.66
C ASN C 39 17.59 -26.00 33.98
N GLY C 40 17.03 -26.83 34.84
CA GLY C 40 17.57 -27.01 36.16
C GLY C 40 17.22 -25.83 37.05
N PHE C 41 17.87 -25.80 38.21
CA PHE C 41 17.71 -24.66 39.11
C PHE C 41 19.00 -24.55 39.91
N GLU C 42 19.76 -23.48 39.62
CA GLU C 42 20.94 -23.09 40.37
C GLU C 42 20.62 -21.81 41.12
N PHE C 43 21.23 -21.65 42.30
CA PHE C 43 21.02 -20.44 43.09
C PHE C 43 22.21 -20.24 44.01
N GLU C 44 22.94 -19.14 43.81
CA GLU C 44 24.08 -18.78 44.64
C GLU C 44 25.12 -19.90 44.67
N GLY C 45 25.38 -20.48 43.51
CA GLY C 45 26.45 -21.47 43.38
C GLY C 45 25.99 -22.91 43.47
N ILE C 46 24.99 -23.16 44.32
CA ILE C 46 24.55 -24.53 44.58
C ILE C 46 23.61 -24.99 43.48
N ARG C 47 23.86 -26.18 42.95
CA ARG C 47 22.99 -26.80 41.95
C ARG C 47 21.88 -27.56 42.67
N TYR C 48 20.65 -27.04 42.58
CA TYR C 48 19.51 -27.68 43.23
C TYR C 48 18.78 -28.63 42.29
N ALA C 49 18.66 -28.28 41.01
CA ALA C 49 17.98 -29.15 40.06
C ALA C 49 18.73 -29.18 38.74
N GLU C 50 18.59 -30.30 38.03
CA GLU C 50 19.27 -30.49 36.75
C GLU C 50 18.32 -30.23 35.58
N ASP C 61 22.22 -17.78 28.18
CA ASP C 61 22.68 -16.71 29.05
C ASP C 61 21.61 -15.63 29.17
N PRO C 62 20.71 -15.78 30.15
CA PRO C 62 19.56 -14.87 30.22
C PRO C 62 19.92 -13.46 30.64
N ALA C 63 20.89 -13.30 31.55
CA ALA C 63 21.32 -11.96 31.93
C ALA C 63 21.97 -11.24 30.75
N ASP C 64 22.75 -11.98 29.95
CA ASP C 64 23.40 -11.41 28.78
C ASP C 64 22.36 -10.92 27.78
N ARG C 65 21.42 -11.79 27.39
CA ARG C 65 20.39 -11.41 26.44
C ARG C 65 19.49 -10.33 27.02
N ALA C 66 19.40 -10.25 28.35
CA ALA C 66 18.63 -9.18 28.97
C ALA C 66 19.34 -7.85 28.82
N ARG C 67 20.66 -7.81 29.04
CA ARG C 67 21.38 -6.57 28.83
C ARG C 67 21.32 -6.14 27.36
N ALA C 68 21.34 -7.11 26.44
CA ALA C 68 21.15 -6.75 25.03
C ALA C 68 19.75 -6.22 24.79
N PHE C 69 18.75 -6.80 25.47
CA PHE C 69 17.36 -6.37 25.30
C PHE C 69 17.20 -4.92 25.74
N TYR C 70 17.75 -4.57 26.91
CA TYR C 70 17.68 -3.18 27.35
C TYR C 70 18.60 -2.27 26.54
N GLU C 71 19.64 -2.83 25.91
CA GLU C 71 20.42 -2.03 24.96
C GLU C 71 19.58 -1.67 23.74
N ALA C 72 18.64 -2.52 23.36
CA ALA C 72 17.76 -2.19 22.23
C ALA C 72 16.64 -1.25 22.65
N PHE C 73 16.07 -1.45 23.84
CA PHE C 73 14.97 -0.62 24.36
C PHE C 73 15.40 -0.03 25.69
N PRO C 74 16.01 1.16 25.68
CA PRO C 74 16.61 1.70 26.92
C PRO C 74 15.59 2.25 27.91
N GLY C 75 14.49 2.81 27.43
CA GLY C 75 13.53 3.44 28.30
C GLY C 75 12.34 2.57 28.64
N ALA C 76 12.54 1.25 28.61
CA ALA C 76 11.44 0.30 28.81
C ALA C 76 11.17 0.12 30.30
N THR C 77 9.91 0.35 30.70
CA THR C 77 9.50 0.13 32.08
C THR C 77 8.23 -0.71 32.17
N ARG C 78 7.75 -1.27 31.05
CA ARG C 78 6.52 -2.07 31.07
C ARG C 78 6.61 -3.08 29.92
N ILE C 79 7.43 -4.10 30.11
CA ILE C 79 7.67 -5.11 29.10
C ILE C 79 6.63 -6.22 29.23
N LEU C 80 6.38 -6.92 28.13
CA LEU C 80 5.46 -8.06 28.08
C LEU C 80 6.24 -9.16 27.37
N GLU C 81 6.68 -10.15 28.15
CA GLU C 81 7.39 -11.28 27.58
C GLU C 81 6.43 -12.43 27.27
N LEU C 82 6.74 -13.16 26.20
CA LEU C 82 5.94 -14.29 25.75
C LEU C 82 6.71 -15.58 26.00
N GLY C 83 6.01 -16.59 26.53
CA GLY C 83 6.62 -17.89 26.79
C GLY C 83 7.69 -17.87 27.86
N ALA C 84 7.28 -17.63 29.10
CA ALA C 84 8.22 -17.47 30.21
C ALA C 84 8.24 -18.74 31.06
N LEU C 85 8.73 -19.83 30.47
CA LEU C 85 8.89 -21.06 31.23
C LEU C 85 9.98 -20.89 32.27
N GLU C 86 9.67 -21.25 33.52
CA GLU C 86 10.61 -21.20 34.64
C GLU C 86 11.07 -19.78 34.95
N GLY C 87 10.67 -18.81 34.13
CA GLY C 87 11.02 -17.44 34.39
C GLY C 87 12.50 -17.10 34.28
N ALA C 88 13.27 -17.90 33.54
CA ALA C 88 14.70 -17.64 33.40
C ALA C 88 14.95 -16.26 32.81
N ASP C 89 14.32 -15.95 31.68
CA ASP C 89 14.50 -14.63 31.08
C ASP C 89 13.75 -13.55 31.85
N THR C 90 12.57 -13.89 32.40
CA THR C 90 11.78 -12.93 33.16
C THR C 90 12.57 -12.31 34.30
N LEU C 91 13.16 -13.16 35.15
CA LEU C 91 14.00 -12.66 36.24
C LEU C 91 15.13 -11.80 35.71
N ALA C 92 15.75 -12.21 34.59
CA ALA C 92 16.83 -11.42 34.01
C ALA C 92 16.36 -10.03 33.64
N LEU C 93 15.15 -9.92 33.07
CA LEU C 93 14.64 -8.61 32.68
C LEU C 93 14.17 -7.80 33.89
N ALA C 94 13.90 -8.45 35.03
CA ALA C 94 13.41 -7.73 36.19
C ALA C 94 14.52 -7.08 37.02
N ARG C 95 15.79 -7.28 36.66
CA ARG C 95 16.87 -6.71 37.45
C ARG C 95 16.93 -5.19 37.32
N GLN C 96 16.69 -4.67 36.12
CA GLN C 96 16.79 -3.23 35.91
C GLN C 96 15.73 -2.52 36.76
N PRO C 97 16.09 -1.47 37.49
CA PRO C 97 15.15 -0.87 38.45
C PRO C 97 14.02 -0.13 37.75
N GLY C 98 12.92 0.03 38.49
CA GLY C 98 11.75 0.70 37.96
C GLY C 98 10.99 -0.05 36.88
N THR C 99 11.27 -1.33 36.69
CA THR C 99 10.65 -2.11 35.63
C THR C 99 9.46 -2.91 36.15
N SER C 100 8.42 -3.01 35.34
CA SER C 100 7.29 -3.89 35.61
C SER C 100 7.20 -4.92 34.49
N ILE C 101 7.05 -6.18 34.85
CA ILE C 101 7.11 -7.29 33.89
C ILE C 101 5.85 -8.13 33.98
N LEU C 102 5.30 -8.48 32.82
CA LEU C 102 4.24 -9.47 32.70
C LEU C 102 4.76 -10.62 31.87
N GLY C 103 4.73 -11.83 32.43
CA GLY C 103 5.20 -13.01 31.74
C GLY C 103 4.10 -14.03 31.53
N LEU C 104 3.81 -14.36 30.27
CA LEU C 104 2.75 -15.30 29.94
C LEU C 104 3.33 -16.68 29.70
N GLU C 105 2.67 -17.70 30.23
CA GLU C 105 3.12 -19.08 30.08
C GLU C 105 1.94 -19.96 29.70
N GLY C 106 2.23 -21.00 28.91
CA GLY C 106 1.22 -21.91 28.42
C GLY C 106 0.92 -23.08 29.33
N ARG C 107 1.95 -23.64 29.96
CA ARG C 107 1.79 -24.76 30.88
C ARG C 107 1.92 -24.27 32.32
N GLU C 108 1.00 -24.73 33.18
CA GLU C 108 0.96 -24.23 34.55
C GLU C 108 2.08 -24.81 35.41
N GLU C 109 2.64 -25.97 35.03
CA GLU C 109 3.82 -26.47 35.72
C GLU C 109 4.95 -25.45 35.68
N ASN C 110 5.36 -25.07 34.47
CA ASN C 110 6.36 -24.02 34.29
C ASN C 110 5.94 -22.73 34.97
N LEU C 111 4.63 -22.46 35.03
CA LEU C 111 4.16 -21.24 35.68
C LEU C 111 4.47 -21.26 37.17
N ARG C 112 4.19 -22.38 37.84
CA ARG C 112 4.49 -22.47 39.26
C ARG C 112 5.98 -22.50 39.52
N ARG C 113 6.76 -23.10 38.62
CA ARG C 113 8.22 -23.03 38.75
C ARG C 113 8.71 -21.59 38.66
N ALA C 114 8.18 -20.84 37.70
CA ALA C 114 8.60 -19.44 37.53
C ALA C 114 8.20 -18.59 38.73
N GLU C 115 6.94 -18.72 39.18
CA GLU C 115 6.51 -18.04 40.39
C GLU C 115 7.42 -18.37 41.57
N PHE C 116 7.86 -19.63 41.66
CA PHE C 116 8.81 -20.00 42.70
C PHE C 116 10.12 -19.23 42.55
N VAL C 117 10.66 -19.16 41.33
CA VAL C 117 11.92 -18.46 41.10
C VAL C 117 11.79 -17.00 41.51
N MET C 118 10.69 -16.35 41.12
CA MET C 118 10.47 -14.96 41.51
C MET C 118 10.36 -14.83 43.03
N GLU C 119 9.75 -15.81 43.68
CA GLU C 119 9.66 -15.77 45.14
C GLU C 119 11.03 -15.88 45.78
N VAL C 120 11.92 -16.69 45.21
CA VAL C 120 13.25 -16.89 45.78
C VAL C 120 14.10 -15.62 45.58
N HIS C 121 14.23 -15.17 44.33
CA HIS C 121 15.06 -14.02 44.06
C HIS C 121 14.46 -12.70 44.54
N GLY C 122 13.25 -12.72 45.10
CA GLY C 122 12.65 -11.50 45.60
C GLY C 122 12.18 -10.53 44.54
N ALA C 123 11.93 -11.01 43.33
CA ALA C 123 11.46 -10.15 42.25
C ALA C 123 10.00 -9.79 42.46
N THR C 124 9.75 -8.70 43.20
CA THR C 124 8.38 -8.28 43.50
C THR C 124 7.75 -7.47 42.38
N ASN C 125 8.49 -7.21 41.30
CA ASN C 125 7.99 -6.45 40.16
C ASN C 125 7.73 -7.34 38.95
N VAL C 126 7.20 -8.53 39.18
CA VAL C 126 6.93 -9.49 38.13
C VAL C 126 5.57 -10.14 38.39
N GLU C 127 4.72 -10.15 37.37
CA GLU C 127 3.47 -10.90 37.41
C GLU C 127 3.51 -11.96 36.32
N LEU C 128 3.24 -13.21 36.70
CA LEU C 128 3.22 -14.33 35.77
C LEU C 128 1.78 -14.81 35.61
N ARG C 129 1.32 -14.86 34.36
CA ARG C 129 -0.04 -15.30 34.06
C ARG C 129 -0.02 -16.53 33.17
N ILE C 130 -1.03 -17.36 33.36
CA ILE C 130 -1.27 -18.54 32.51
C ILE C 130 -2.18 -18.11 31.38
N ALA C 131 -1.67 -18.19 30.15
CA ALA C 131 -2.45 -17.78 28.98
C ALA C 131 -1.85 -18.41 27.74
N ASP C 132 -2.70 -18.96 26.88
CA ASP C 132 -2.26 -19.48 25.60
C ASP C 132 -2.21 -18.34 24.58
N VAL C 133 -1.01 -18.02 24.10
CA VAL C 133 -0.85 -16.91 23.16
C VAL C 133 -1.51 -17.15 21.81
N GLU C 134 -1.96 -18.39 21.55
CA GLU C 134 -2.54 -18.72 20.26
C GLU C 134 -4.03 -18.38 20.16
N THR C 135 -4.74 -18.36 21.28
CA THR C 135 -6.16 -18.02 21.33
C THR C 135 -6.41 -16.92 22.36
N LEU C 136 -5.48 -15.97 22.47
CA LEU C 136 -5.58 -14.89 23.45
C LEU C 136 -5.92 -13.58 22.76
N ASP C 137 -6.83 -12.82 23.37
CA ASP C 137 -7.17 -11.48 22.89
C ASP C 137 -6.16 -10.51 23.50
N PHE C 138 -5.14 -10.15 22.72
CA PHE C 138 -4.02 -9.35 23.23
C PHE C 138 -4.43 -7.95 23.64
N ALA C 139 -5.61 -7.47 23.20
CA ALA C 139 -6.05 -6.13 23.54
C ALA C 139 -6.32 -5.96 25.03
N THR C 140 -6.61 -7.05 25.74
CA THR C 140 -6.89 -6.95 27.18
C THR C 140 -5.65 -6.54 27.96
N LEU C 141 -4.47 -6.97 27.50
CA LEU C 141 -3.23 -6.71 28.20
C LEU C 141 -2.88 -5.23 28.17
N ARG C 143 -1.24 -1.89 26.84
CA ARG C 143 -0.10 -1.44 26.06
C ARG C 143 1.22 -1.65 26.80
N PHE C 144 2.23 -2.10 26.08
CA PHE C 144 3.55 -2.38 26.63
C PHE C 144 4.63 -1.64 25.84
N ASP C 145 5.72 -1.31 26.51
CA ASP C 145 6.84 -0.65 25.86
C ASP C 145 7.56 -1.60 24.92
N ALA C 146 8.01 -2.75 25.43
CA ALA C 146 8.73 -3.73 24.63
C ALA C 146 8.18 -5.13 24.90
N VAL C 147 8.41 -6.02 23.94
CA VAL C 147 7.95 -7.41 24.01
C VAL C 147 9.11 -8.32 23.68
N LEU C 148 9.33 -9.34 24.50
CA LEU C 148 10.39 -10.33 24.30
C LEU C 148 9.75 -11.64 23.85
N CYS C 149 10.08 -12.08 22.64
CA CYS C 149 9.61 -13.35 22.09
C CYS C 149 10.84 -14.23 21.91
N ALA C 150 11.21 -14.95 22.96
CA ALA C 150 12.43 -15.75 22.99
C ALA C 150 12.07 -17.21 22.78
N GLY C 151 12.30 -17.70 21.55
CA GLY C 151 12.17 -19.11 21.24
C GLY C 151 10.79 -19.70 21.42
N LEU C 152 9.78 -19.17 20.72
CA LEU C 152 8.47 -19.78 20.69
C LEU C 152 7.77 -19.47 19.37
N LEU C 153 8.38 -18.58 18.58
CA LEU C 153 7.81 -18.26 17.27
C LEU C 153 7.66 -19.52 16.42
N TYR C 154 8.57 -20.48 16.59
CA TYR C 154 8.51 -21.75 15.90
C TYR C 154 7.70 -22.79 16.66
N HIS C 155 6.83 -22.36 17.58
CA HIS C 155 5.90 -23.24 18.26
C HIS C 155 4.44 -23.00 17.88
N VAL C 156 4.14 -21.84 17.33
CA VAL C 156 2.79 -21.50 16.89
C VAL C 156 2.60 -22.02 15.47
N ARG C 157 1.36 -22.40 15.13
CA ARG C 157 1.09 -22.89 13.78
C ARG C 157 1.02 -21.76 12.76
N GLU C 158 0.83 -20.52 13.20
CA GLU C 158 0.88 -19.36 12.30
C GLU C 158 1.64 -18.24 13.02
N PRO C 159 2.96 -18.18 12.83
CA PRO C 159 3.76 -17.20 13.59
C PRO C 159 3.50 -15.75 13.20
N TRP C 160 3.12 -15.50 11.94
CA TRP C 160 2.82 -14.14 11.51
C TRP C 160 1.74 -13.50 12.38
N ALA C 161 0.69 -14.26 12.69
CA ALA C 161 -0.36 -13.74 13.55
C ALA C 161 0.16 -13.46 14.96
N LEU C 162 1.14 -14.24 15.42
CA LEU C 162 1.78 -13.96 16.70
C LEU C 162 2.52 -12.63 16.63
N LEU C 163 3.19 -12.35 15.52
CA LEU C 163 3.87 -11.07 15.39
C LEU C 163 2.88 -9.91 15.32
N LYS C 164 1.76 -10.09 14.62
CA LYS C 164 0.75 -9.03 14.56
C LYS C 164 0.11 -8.75 15.92
N ASP C 165 -0.42 -9.80 16.58
CA ASP C 165 -1.04 -9.58 17.88
C ASP C 165 -0.04 -9.07 18.90
N ALA C 166 1.23 -9.43 18.74
CA ALA C 166 2.27 -8.80 19.55
C ALA C 166 2.40 -7.33 19.19
N ALA C 167 2.25 -6.99 17.90
CA ALA C 167 2.39 -5.62 17.44
C ALA C 167 1.30 -4.71 17.99
N ARG C 168 0.09 -5.25 18.24
CA ARG C 168 -0.99 -4.39 18.72
C ARG C 168 -0.73 -3.80 20.10
N VAL C 169 0.26 -4.28 20.85
CA VAL C 169 0.51 -3.77 22.20
C VAL C 169 2.00 -3.57 22.43
N SER C 170 2.82 -3.95 21.46
CA SER C 170 4.28 -4.04 21.65
C SER C 170 4.99 -2.71 21.46
N ALA C 171 4.89 -2.14 20.25
CA ALA C 171 5.72 -1.00 19.85
C ALA C 171 7.21 -1.30 20.06
N GLY C 172 7.61 -2.52 19.71
CA GLY C 172 8.98 -2.97 19.85
C GLY C 172 9.07 -4.42 20.30
N ILE C 173 9.94 -5.20 19.66
CA ILE C 173 10.03 -6.63 19.95
C ILE C 173 11.49 -7.07 19.85
N TYR C 174 11.94 -7.88 20.81
CA TYR C 174 13.23 -8.55 20.76
C TYR C 174 12.96 -10.01 20.38
N LEU C 175 13.12 -10.34 19.11
CA LEU C 175 12.82 -11.67 18.60
C LEU C 175 14.11 -12.49 18.50
N SER C 176 14.09 -13.69 19.07
CA SER C 176 15.20 -14.64 18.99
C SER C 176 14.63 -15.97 18.55
N THR C 177 14.76 -16.29 17.25
CA THR C 177 14.10 -17.46 16.70
C THR C 177 14.99 -18.11 15.65
N HIS C 178 14.51 -19.21 15.10
CA HIS C 178 15.18 -19.95 14.05
C HIS C 178 14.44 -19.78 12.74
N TYR C 179 15.13 -20.11 11.65
CA TYR C 179 14.54 -20.14 10.33
C TYR C 179 15.26 -21.20 9.51
N TRP C 180 14.73 -21.48 8.32
CA TRP C 180 15.22 -22.55 7.47
C TRP C 180 16.00 -21.94 6.31
N GLY C 181 17.24 -22.39 6.14
CA GLY C 181 18.10 -21.88 5.08
C GLY C 181 17.84 -22.47 3.72
N SER C 182 16.58 -22.45 3.29
CA SER C 182 16.20 -22.96 1.98
C SER C 182 14.89 -22.28 1.59
N SER C 183 14.15 -22.91 0.67
CA SER C 183 12.85 -22.40 0.23
C SER C 183 12.04 -23.53 -0.38
N ASP C 184 12.70 -24.39 -1.15
CA ASP C 184 12.04 -25.53 -1.78
C ASP C 184 11.54 -26.51 -0.72
N GLY C 185 10.26 -26.40 -0.38
CA GLY C 185 9.69 -27.30 0.62
C GLY C 185 8.41 -26.77 1.25
N LEU C 186 8.52 -25.68 2.00
CA LEU C 186 7.34 -25.14 2.68
C LEU C 186 6.31 -24.67 1.68
N GLU C 187 5.03 -24.87 2.02
CA GLU C 187 3.91 -24.48 1.19
C GLU C 187 3.75 -22.97 1.18
N THR C 188 2.51 -22.48 1.26
CA THR C 188 2.25 -21.04 1.28
C THR C 188 0.94 -20.84 2.02
N LEU C 189 1.05 -20.49 3.31
CA LEU C 189 -0.09 -20.29 4.18
C LEU C 189 -0.24 -18.78 4.39
N ASP C 190 -1.32 -18.22 3.86
CA ASP C 190 -1.60 -16.79 3.98
C ASP C 190 -0.46 -15.95 3.37
N GLY C 191 0.10 -16.43 2.26
CA GLY C 191 1.11 -15.70 1.56
C GLY C 191 2.54 -15.96 2.00
N TYR C 192 2.75 -16.70 3.08
CA TYR C 192 4.08 -16.95 3.61
C TYR C 192 4.51 -18.37 3.27
N SER C 193 5.78 -18.50 2.85
CA SER C 193 6.34 -19.80 2.52
C SER C 193 6.51 -20.66 3.77
N LEU C 216 9.47 -21.21 8.98
CA LEU C 216 9.58 -20.11 8.02
C LEU C 216 10.97 -20.03 7.42
N ASP C 217 11.05 -19.53 6.18
CA ASP C 217 12.32 -19.13 5.61
C ASP C 217 12.59 -17.67 5.96
N ARG C 218 13.68 -17.12 5.43
CA ARG C 218 14.07 -15.75 5.77
C ARG C 218 13.07 -14.75 5.20
N ALA C 219 12.70 -14.91 3.93
CA ALA C 219 11.81 -13.97 3.25
C ALA C 219 10.48 -13.86 3.97
N SER C 220 9.84 -15.00 4.26
CA SER C 220 8.56 -14.98 4.96
C SER C 220 8.71 -14.46 6.39
N LEU C 221 9.90 -14.58 6.98
CA LEU C 221 10.12 -14.03 8.31
C LEU C 221 10.11 -12.51 8.29
N PHE C 222 10.99 -11.91 7.48
CA PHE C 222 11.02 -10.45 7.40
C PHE C 222 9.72 -9.89 6.84
N ALA C 223 9.04 -10.64 5.97
CA ALA C 223 7.75 -10.19 5.46
C ALA C 223 6.67 -10.30 6.54
N ALA C 224 6.77 -11.28 7.42
CA ALA C 224 5.84 -11.36 8.54
C ALA C 224 6.05 -10.22 9.53
N LEU C 225 7.32 -9.89 9.80
CA LEU C 225 7.59 -8.74 10.66
C LEU C 225 7.13 -7.45 10.01
N GLU C 226 7.30 -7.33 8.69
CA GLU C 226 6.84 -6.13 7.99
C GLU C 226 5.33 -6.00 8.04
N ASN C 227 4.62 -7.08 7.71
CA ASN C 227 3.16 -7.06 7.74
C ASN C 227 2.61 -6.91 9.16
N ALA C 228 3.37 -7.28 10.18
CA ALA C 228 2.91 -7.09 11.55
C ALA C 228 2.91 -5.61 11.93
N GLY C 229 3.81 -4.83 11.36
CA GLY C 229 3.87 -3.41 11.63
C GLY C 229 5.28 -2.92 11.90
N PHE C 230 6.19 -3.86 12.16
CA PHE C 230 7.58 -3.53 12.49
C PHE C 230 8.31 -3.16 11.21
N VAL C 231 8.34 -1.86 10.92
CA VAL C 231 9.01 -1.39 9.70
C VAL C 231 10.50 -1.15 9.94
N GLU C 232 10.90 -0.88 11.18
CA GLU C 232 12.30 -0.68 11.52
C GLU C 232 12.85 -1.98 12.08
N ILE C 233 13.89 -2.52 11.45
CA ILE C 233 14.43 -3.83 11.81
C ILE C 233 15.94 -3.72 11.91
N GLU C 234 16.50 -4.26 13.00
CA GLU C 234 17.94 -4.27 13.22
C GLU C 234 18.36 -5.66 13.67
N VAL C 235 19.13 -6.36 12.82
CA VAL C 235 19.57 -7.72 13.13
C VAL C 235 20.81 -7.68 14.00
N LEU C 236 20.78 -8.39 15.13
CA LEU C 236 21.91 -8.44 16.05
C LEU C 236 22.83 -9.64 15.83
N HIS C 237 22.28 -10.81 15.53
CA HIS C 237 23.08 -12.03 15.42
C HIS C 237 22.41 -12.98 14.44
N GLU C 238 23.23 -13.75 13.71
CA GLU C 238 22.70 -14.70 12.75
C GLU C 238 23.79 -15.71 12.38
N ARG C 239 23.40 -16.99 12.33
CA ARG C 239 24.26 -18.05 11.85
C ARG C 239 23.50 -18.82 10.77
N THR C 240 24.00 -18.78 9.54
CA THR C 240 23.32 -19.40 8.41
C THR C 240 23.69 -20.86 8.26
N SER C 241 22.86 -21.59 7.53
CA SER C 241 23.06 -23.01 7.25
C SER C 241 22.11 -23.41 6.13
N ALA C 242 22.22 -24.67 5.69
CA ALA C 242 21.32 -25.19 4.68
C ALA C 242 19.99 -25.67 5.26
N GLU C 243 19.96 -26.00 6.55
CA GLU C 243 18.73 -26.46 7.19
C GLU C 243 18.40 -25.54 8.34
N VAL C 244 18.63 -25.94 9.59
CA VAL C 244 18.27 -25.12 10.73
C VAL C 244 19.31 -24.01 10.88
N CYS C 245 18.84 -22.76 10.93
CA CYS C 245 19.69 -21.62 11.16
C CYS C 245 19.03 -20.71 12.20
N ASP C 246 19.84 -19.84 12.79
CA ASP C 246 19.40 -19.00 13.92
C ASP C 246 19.44 -17.53 13.53
N ILE C 247 18.61 -16.74 14.21
CA ILE C 247 18.58 -15.30 13.96
C ILE C 247 17.98 -14.61 15.18
N VAL C 248 18.51 -13.43 15.48
CA VAL C 248 18.03 -12.58 16.57
C VAL C 248 17.89 -11.17 15.98
N VAL C 249 16.66 -10.68 15.92
CA VAL C 249 16.38 -9.37 15.34
C VAL C 249 15.62 -8.52 16.35
N VAL C 250 15.77 -7.20 16.19
CA VAL C 250 15.04 -6.21 16.98
C VAL C 250 14.09 -5.48 16.04
N GLY C 251 12.88 -5.22 16.51
CA GLY C 251 11.87 -4.58 15.69
C GLY C 251 11.24 -3.39 16.39
N ARG C 252 11.11 -2.31 15.63
CA ARG C 252 10.43 -1.10 16.09
C ARG C 252 9.40 -0.72 15.02
N ALA C 253 8.15 -0.63 15.43
CA ALA C 253 7.06 -0.20 14.57
C ALA C 253 6.91 1.31 14.71
N ARG C 254 5.90 1.86 14.03
CA ARG C 254 5.57 3.26 14.26
C ARG C 254 5.27 3.45 15.74
N LEU C 255 5.63 4.64 16.25
CA LEU C 255 5.62 5.01 17.67
C LEU C 255 6.89 4.51 18.34
N GLY C 256 7.38 3.33 17.94
CA GLY C 256 8.65 2.86 18.46
C GLY C 256 9.83 3.68 17.97
N ALA C 257 9.91 3.86 16.65
CA ALA C 257 10.91 4.76 16.09
C ALA C 257 10.76 6.16 16.65
N GLN C 258 9.51 6.60 16.85
CA GLN C 258 9.26 7.90 17.47
C GLN C 258 9.87 7.97 18.86
N ILE C 259 9.77 6.88 19.63
CA ILE C 259 10.44 6.84 20.94
C ILE C 259 11.94 6.91 20.76
N ARG C 260 12.48 6.21 19.76
CA ARG C 260 13.91 6.22 19.52
C ARG C 260 14.42 7.63 19.25
N ARG C 261 13.77 8.36 18.34
CA ARG C 261 14.22 9.70 18.01
C ARG C 261 13.94 10.68 19.15
N PHE C 262 12.83 10.50 19.88
CA PHE C 262 12.58 11.33 21.05
C PHE C 262 13.66 11.16 22.10
N ARG C 263 14.24 9.96 22.19
CA ARG C 263 15.31 9.73 23.15
C ARG C 263 16.64 10.24 22.63
N GLU C 264 16.90 10.10 21.33
CA GLU C 264 18.18 10.52 20.76
C GLU C 264 18.18 12.00 20.42
N ASP C 265 17.21 12.45 19.62
CA ASP C 265 17.16 13.84 19.22
C ASP C 265 16.58 14.72 20.32
N GLY C 266 15.50 14.27 20.94
CA GLY C 266 14.83 15.04 21.98
C GLY C 266 13.51 15.66 21.57
N PHE C 267 12.98 15.32 20.40
CA PHE C 267 11.74 15.90 19.89
C PHE C 267 11.26 15.06 18.71
N VAL C 268 9.95 14.88 18.61
CA VAL C 268 9.34 14.01 17.61
C VAL C 268 7.94 14.53 17.29
N ASN C 269 7.58 14.48 16.00
CA ASN C 269 6.21 14.72 15.56
C ASN C 269 5.48 13.38 15.60
N ALA C 270 4.73 13.15 16.68
CA ALA C 270 4.08 11.87 16.92
C ALA C 270 2.73 11.73 16.24
N GLY C 271 2.46 12.55 15.22
CA GLY C 271 1.21 12.47 14.49
C GLY C 271 0.01 12.79 15.35
N PRO C 272 -1.19 12.51 14.85
CA PRO C 272 -2.40 12.75 15.62
C PRO C 272 -2.65 11.62 16.61
N VAL C 273 -3.67 11.82 17.45
CA VAL C 273 -4.04 10.83 18.46
C VAL C 273 -5.56 10.73 18.54
N PHE C 274 -6.25 11.84 18.33
CA PHE C 274 -7.69 11.89 18.52
C PHE C 274 -8.43 11.31 17.32
N ALA C 275 -9.62 10.77 17.57
CA ALA C 275 -10.47 10.23 16.53
C ALA C 275 -11.59 11.23 16.25
N ASP C 276 -11.25 12.25 15.46
CA ASP C 276 -12.19 13.25 14.96
C ASP C 276 -12.82 14.09 16.07
N ASP C 277 -13.57 15.13 15.68
CA ASP C 277 -14.39 15.94 16.56
C ASP C 277 -13.60 16.77 17.55
N THR C 278 -12.95 16.13 18.52
CA THR C 278 -12.41 16.84 19.68
C THR C 278 -11.30 17.82 19.32
N ILE C 279 -10.56 17.56 18.22
CA ILE C 279 -9.51 18.50 17.84
C ILE C 279 -10.11 19.82 17.37
N ALA C 280 -11.11 19.74 16.49
CA ALA C 280 -11.78 20.96 16.03
C ALA C 280 -12.49 21.67 17.19
N ARG C 281 -12.98 20.90 18.17
CA ARG C 281 -13.56 21.52 19.37
C ARG C 281 -12.48 22.29 20.14
N LEU C 282 -11.29 21.70 20.27
CA LEU C 282 -10.19 22.40 20.93
C LEU C 282 -9.83 23.67 20.20
N LYS C 283 -9.79 23.63 18.86
CA LYS C 283 -9.50 24.84 18.09
C LYS C 283 -10.58 25.89 18.30
N ALA C 284 -11.85 25.47 18.32
CA ALA C 284 -12.94 26.41 18.52
C ALA C 284 -12.86 27.09 19.87
N GLY C 285 -12.57 26.31 20.93
CA GLY C 285 -12.41 26.92 22.24
C GLY C 285 -11.20 27.84 22.31
N ALA C 286 -10.12 27.47 21.62
CA ALA C 286 -8.92 28.32 21.60
C ALA C 286 -9.21 29.66 20.96
N ILE C 287 -9.82 29.66 19.77
CA ILE C 287 -10.22 30.92 19.14
C ILE C 287 -11.21 31.66 20.02
N ASP C 288 -12.06 30.92 20.74
CA ASP C 288 -12.98 31.55 21.69
C ASP C 288 -12.24 32.30 22.78
N LEU C 289 -11.05 31.82 23.16
CA LEU C 289 -10.26 32.57 24.14
C LEU C 289 -9.49 33.74 23.50
N ILE C 290 -8.98 33.56 22.28
CA ILE C 290 -8.27 34.66 21.63
C ILE C 290 -9.19 35.84 21.38
N SER C 291 -10.46 35.55 21.07
CA SER C 291 -11.43 36.62 20.85
C SER C 291 -11.71 37.42 22.12
N ARG C 292 -11.39 36.87 23.29
CA ARG C 292 -11.60 37.62 24.53
C ARG C 292 -10.72 38.86 24.57
N PHE C 293 -9.43 38.71 24.26
CA PHE C 293 -8.53 39.85 24.23
C PHE C 293 -8.68 40.64 22.94
N THR C 294 -8.88 39.95 21.81
CA THR C 294 -8.92 40.64 20.53
C THR C 294 -10.28 41.28 20.29
N GLU C 295 -11.33 40.47 20.14
CA GLU C 295 -12.63 40.99 19.76
C GLU C 295 -13.31 41.72 20.92
N HIS C 296 -13.11 41.23 22.15
CA HIS C 296 -13.74 41.85 23.31
C HIS C 296 -12.79 42.80 24.01
N GLY C 297 -12.78 42.76 25.34
CA GLY C 297 -11.88 43.59 26.13
C GLY C 297 -11.44 42.88 27.39
N HIS C 298 -10.77 41.74 27.23
CA HIS C 298 -10.35 40.91 28.36
C HIS C 298 -8.96 41.30 28.84
N VAL C 299 -8.71 41.03 30.12
CA VAL C 299 -7.42 41.31 30.74
C VAL C 299 -7.30 40.51 32.03
N SER C 300 -6.16 39.83 32.20
CA SER C 300 -5.88 39.06 33.41
C SER C 300 -4.39 38.76 33.44
N ASP C 301 -3.95 38.15 34.54
CA ASP C 301 -2.53 37.83 34.68
C ASP C 301 -2.10 36.68 33.78
N ASP C 302 -3.05 35.92 33.24
CA ASP C 302 -2.73 34.76 32.41
C ASP C 302 -2.75 35.07 30.92
N TYR C 303 -3.21 36.26 30.52
CA TYR C 303 -3.17 36.68 29.12
C TYR C 303 -1.88 37.46 28.89
N TRP C 304 -0.82 36.73 28.57
CA TRP C 304 0.50 37.32 28.41
C TRP C 304 0.57 38.08 27.08
N ASN C 305 0.77 39.39 27.17
CA ASN C 305 0.73 40.27 26.01
C ASN C 305 1.83 41.32 26.12
N TYR C 306 2.16 41.92 24.97
CA TYR C 306 3.08 43.05 24.95
C TYR C 306 2.65 44.03 23.87
N ASP C 307 2.71 45.32 24.19
CA ASP C 307 2.20 46.37 23.32
C ASP C 307 3.33 47.27 22.85
N VAL C 308 3.06 47.99 21.76
CA VAL C 308 3.99 48.96 21.20
C VAL C 308 3.24 50.23 20.84
N GLU C 309 3.36 50.69 19.61
CA GLU C 309 2.69 51.89 19.13
C GLU C 309 1.49 51.51 18.27
N ASN C 310 0.41 52.29 18.41
CA ASN C 310 -0.78 52.14 17.58
C ASN C 310 -1.44 50.77 17.73
N GLU C 311 -0.77 49.73 17.24
CA GLU C 311 -1.33 48.39 17.26
C GLU C 311 -1.64 47.93 18.67
N ALA C 312 -2.75 47.19 18.81
CA ALA C 312 -3.17 46.67 20.10
C ALA C 312 -2.11 45.72 20.66
N PRO C 313 -2.06 45.56 21.98
CA PRO C 313 -1.11 44.61 22.57
C PRO C 313 -1.30 43.20 22.02
N VAL C 314 -0.18 42.59 21.62
CA VAL C 314 -0.22 41.24 21.05
C VAL C 314 -0.24 40.21 22.17
N LEU C 315 -1.17 39.26 22.07
CA LEU C 315 -1.30 38.15 23.00
C LEU C 315 -0.53 36.95 22.46
N TYR C 316 0.33 36.36 23.28
CA TYR C 316 1.16 35.25 22.82
C TYR C 316 1.08 33.98 23.66
N ARG C 317 0.51 34.01 24.86
CA ARG C 317 0.44 32.81 25.67
C ARG C 317 -0.70 32.92 26.67
N ILE C 318 -1.53 31.89 26.73
CA ILE C 318 -2.55 31.74 27.76
C ILE C 318 -2.01 30.77 28.79
N HIS C 319 -1.62 31.28 29.95
CA HIS C 319 -1.07 30.48 31.03
C HIS C 319 -2.20 29.91 31.88
N ASN C 320 -1.95 28.73 32.46
CA ASN C 320 -2.94 27.99 33.23
C ASN C 320 -4.21 27.78 32.41
N LEU C 321 -4.05 27.01 31.34
CA LEU C 321 -5.14 26.80 30.40
C LEU C 321 -6.27 25.96 30.99
N GLU C 322 -5.94 25.03 31.89
CA GLU C 322 -6.97 24.17 32.47
C GLU C 322 -7.89 24.91 33.43
N LYS C 323 -7.46 26.07 33.94
CA LYS C 323 -8.22 26.79 34.94
C LYS C 323 -9.12 27.88 34.36
N GLN C 324 -8.90 28.28 33.10
CA GLN C 324 -9.68 29.35 32.51
C GLN C 324 -11.12 28.89 32.26
N ASP C 325 -12.00 29.87 32.03
CA ASP C 325 -13.39 29.58 31.70
C ASP C 325 -13.48 28.90 30.34
N TRP C 326 -13.48 27.57 30.34
CA TRP C 326 -13.49 26.78 29.12
C TRP C 326 -14.71 25.87 29.12
N ALA C 327 -15.40 25.83 27.98
CA ALA C 327 -16.38 24.78 27.74
C ALA C 327 -15.72 23.50 27.25
N GLU C 328 -14.45 23.55 26.86
CA GLU C 328 -13.73 22.40 26.30
C GLU C 328 -12.46 22.07 27.07
N ARG C 329 -12.33 22.55 28.32
CA ARG C 329 -11.16 22.18 29.11
C ARG C 329 -11.19 20.72 29.52
N GLU C 330 -12.37 20.09 29.49
CA GLU C 330 -12.44 18.65 29.75
C GLU C 330 -11.61 17.89 28.73
N LEU C 331 -11.60 18.36 27.47
CA LEU C 331 -10.78 17.75 26.44
C LEU C 331 -9.29 17.81 26.76
N LEU C 332 -8.89 18.67 27.69
CA LEU C 332 -7.50 18.71 28.11
C LEU C 332 -7.10 17.49 28.93
N PHE C 333 -8.08 16.76 29.48
CA PHE C 333 -7.81 15.60 30.31
C PHE C 333 -8.12 14.29 29.59
N ARG C 334 -8.05 14.30 28.26
CA ARG C 334 -8.30 13.10 27.49
C ARG C 334 -7.23 12.04 27.77
N PRO C 335 -7.59 10.76 27.80
CA PRO C 335 -6.60 9.72 28.11
C PRO C 335 -5.56 9.52 27.03
N GLU C 336 -5.83 9.91 25.78
CA GLU C 336 -4.86 9.72 24.72
C GLU C 336 -3.62 10.57 24.91
N LEU C 337 -3.76 11.77 25.48
CA LEU C 337 -2.61 12.65 25.69
C LEU C 337 -1.68 12.08 26.75
N ALA C 338 -2.21 11.84 27.94
CA ALA C 338 -1.40 11.24 29.01
C ALA C 338 -0.89 9.85 28.61
N GLU C 339 -1.64 9.14 27.77
CA GLU C 339 -1.17 7.84 27.30
C GLU C 339 0.01 7.98 26.36
N LEU C 340 -0.04 8.95 25.45
CA LEU C 340 1.09 9.21 24.56
C LEU C 340 2.31 9.63 25.34
N ALA C 341 2.17 10.65 26.19
CA ALA C 341 3.29 11.07 27.02
C ALA C 341 3.80 9.93 27.89
N ALA C 342 2.92 9.01 28.29
CA ALA C 342 3.35 7.84 29.02
C ALA C 342 4.19 6.92 28.13
N ALA C 343 3.78 6.75 26.87
CA ALA C 343 4.55 5.90 25.97
C ALA C 343 5.92 6.50 25.69
N PHE C 344 6.04 7.82 25.73
CA PHE C 344 7.33 8.43 25.43
C PHE C 344 8.26 8.49 26.64
N VAL C 345 7.72 8.78 27.83
CA VAL C 345 8.54 8.90 29.03
C VAL C 345 8.52 7.60 29.82
N GLY C 346 7.54 7.47 30.71
CA GLY C 346 7.36 6.29 31.52
C GLY C 346 5.89 6.02 31.70
N SER C 347 5.57 4.97 32.45
CA SER C 347 4.17 4.57 32.42
C SER C 347 3.27 5.51 33.23
N PRO C 348 3.56 5.82 34.52
CA PRO C 348 2.67 6.73 35.24
C PRO C 348 3.03 8.19 35.07
N VAL C 349 2.25 8.94 34.30
CA VAL C 349 2.51 10.36 34.07
C VAL C 349 1.34 11.17 34.61
N VAL C 350 1.64 12.39 35.05
CA VAL C 350 0.63 13.33 35.56
C VAL C 350 0.83 14.68 34.88
N PRO C 351 -0.21 15.31 34.35
CA PRO C 351 -0.05 16.64 33.77
C PRO C 351 0.25 17.68 34.84
N THR C 352 1.28 18.48 34.60
CA THR C 352 1.74 19.46 35.57
C THR C 352 1.49 20.90 35.18
N ALA C 353 1.41 21.21 33.89
CA ALA C 353 1.19 22.58 33.45
C ALA C 353 0.44 22.57 32.13
N PHE C 354 -0.48 23.54 31.98
CA PHE C 354 -1.26 23.73 30.77
C PHE C 354 -1.07 25.15 30.27
N ALA C 355 -0.97 25.30 28.94
CA ALA C 355 -0.78 26.62 28.34
C ALA C 355 -1.21 26.57 26.88
N LEU C 356 -1.43 27.74 26.31
CA LEU C 356 -1.82 27.88 24.91
C LEU C 356 -0.94 28.96 24.26
N VAL C 357 0.05 28.54 23.47
CA VAL C 357 0.95 29.47 22.80
C VAL C 357 0.34 29.89 21.48
N LEU C 358 0.50 31.18 21.16
CA LEU C 358 -0.14 31.80 20.00
C LEU C 358 0.88 32.55 19.17
N LYS C 359 0.79 32.40 17.86
CA LYS C 359 1.53 33.21 16.90
C LYS C 359 0.50 33.95 16.05
N GLU C 360 0.31 35.23 16.37
CA GLU C 360 -0.59 36.08 15.59
C GLU C 360 -0.05 36.23 14.17
N PRO C 361 -0.92 36.53 13.20
CA PRO C 361 -0.43 36.79 11.85
C PRO C 361 0.39 38.07 11.79
N LYS C 362 1.44 38.02 10.98
CA LYS C 362 2.31 39.18 10.69
C LYS C 362 3.06 39.67 11.93
N ARG C 363 2.32 40.14 12.94
CA ARG C 363 2.95 40.86 14.05
C ARG C 363 3.73 39.96 14.99
N ALA C 364 3.45 38.67 15.02
CA ALA C 364 4.05 37.79 16.01
C ALA C 364 5.57 37.74 15.88
N ALA C 365 6.26 37.89 17.00
CA ALA C 365 7.71 37.81 17.04
C ALA C 365 8.16 36.40 17.38
N GLY C 366 9.46 36.16 17.26
CA GLY C 366 10.03 34.87 17.58
C GLY C 366 10.04 34.60 19.07
N VAL C 367 10.47 33.39 19.41
CA VAL C 367 10.61 32.96 20.79
C VAL C 367 12.08 32.70 21.04
N PRO C 368 12.69 33.32 22.06
CA PRO C 368 14.13 33.09 22.31
C PRO C 368 14.40 31.64 22.66
N TRP C 369 15.62 31.22 22.41
CA TRP C 369 16.01 29.85 22.66
C TRP C 369 16.27 29.64 24.15
N HIS C 370 15.89 28.47 24.65
CA HIS C 370 15.90 28.21 26.08
C HIS C 370 15.70 26.73 26.31
N ARG C 371 15.92 26.31 27.56
CA ARG C 371 15.43 25.03 28.06
C ARG C 371 14.27 25.32 29.00
N ASP C 372 13.18 24.57 28.85
CA ASP C 372 12.03 24.76 29.73
C ASP C 372 12.43 24.50 31.18
N ARG C 373 12.96 23.31 31.45
CA ARG C 373 13.41 22.96 32.78
C ARG C 373 14.73 22.20 32.66
N ALA C 374 15.65 22.44 33.60
CA ALA C 374 16.97 21.83 33.56
C ALA C 374 17.33 21.17 34.89
N ASN C 375 16.41 21.10 35.85
CA ASN C 375 16.65 20.47 37.14
C ASN C 375 16.15 19.04 37.19
N VAL C 376 15.87 18.43 36.04
CA VAL C 376 15.36 17.07 35.97
C VAL C 376 16.29 16.25 35.09
N ALA C 377 16.23 14.93 35.26
CA ALA C 377 17.04 14.03 34.46
C ALA C 377 16.47 13.95 33.05
N PRO C 378 17.30 13.56 32.07
CA PRO C 378 16.80 13.40 30.71
C PRO C 378 15.75 12.28 30.65
N HIS C 379 14.78 12.47 29.75
CA HIS C 379 13.71 11.50 29.51
C HIS C 379 12.81 11.32 30.73
N THR C 380 12.61 12.40 31.50
CA THR C 380 11.80 12.37 32.71
C THR C 380 10.53 13.21 32.60
N VAL C 381 10.63 14.40 32.01
CA VAL C 381 9.49 15.30 31.83
C VAL C 381 9.44 15.68 30.37
N CYS C 382 8.24 15.64 29.79
CA CYS C 382 8.07 15.95 28.37
C CYS C 382 6.95 16.95 28.17
N ASN C 383 7.02 17.66 27.06
CA ASN C 383 5.98 18.58 26.62
C ASN C 383 5.29 18.00 25.39
N LEU C 384 3.96 17.93 25.45
CA LEU C 384 3.12 17.63 24.30
C LEU C 384 2.53 18.93 23.77
N SER C 385 2.45 19.02 22.44
CA SER C 385 2.02 20.23 21.75
C SER C 385 1.01 19.81 20.69
N ILE C 386 -0.27 20.01 21.00
CA ILE C 386 -1.35 19.80 20.05
C ILE C 386 -1.38 21.00 19.11
N CYS C 387 -1.03 20.77 17.85
CA CYS C 387 -0.93 21.83 16.86
C CYS C 387 -2.31 22.09 16.27
N LEU C 388 -2.89 23.25 16.58
CA LEU C 388 -4.20 23.61 16.08
C LEU C 388 -4.14 24.26 14.70
N ASP C 389 -2.94 24.53 14.17
CA ASP C 389 -2.78 25.12 12.86
C ASP C 389 -1.58 24.50 12.16
N THR C 390 -1.62 24.49 10.83
CA THR C 390 -0.48 24.02 10.06
C THR C 390 0.68 25.00 10.22
N ALA C 391 1.87 24.46 10.47
CA ALA C 391 3.04 25.28 10.77
C ALA C 391 4.20 24.86 9.87
N GLY C 392 4.83 25.84 9.23
CA GLY C 392 6.01 25.60 8.43
C GLY C 392 7.18 26.40 8.96
N PRO C 393 8.36 26.22 8.35
CA PRO C 393 9.53 27.00 8.79
C PRO C 393 9.32 28.50 8.72
N GLU C 394 8.56 28.98 7.73
CA GLU C 394 8.25 30.40 7.60
C GLU C 394 6.95 30.78 8.31
N ASN C 395 6.48 29.97 9.25
CA ASN C 395 5.25 30.23 9.98
C ASN C 395 5.46 30.33 11.48
N GLY C 396 6.69 30.21 11.96
CA GLY C 396 6.95 30.26 13.39
C GLY C 396 6.90 28.92 14.07
N CYS C 397 7.24 27.84 13.36
CA CYS C 397 7.11 26.49 13.90
C CYS C 397 8.24 26.21 14.89
N LEU C 398 8.23 24.99 15.43
CA LEU C 398 9.25 24.59 16.39
C LEU C 398 10.61 24.47 15.71
N GLU C 399 11.65 24.90 16.41
CA GLU C 399 13.02 24.61 16.03
C GLU C 399 13.74 24.02 17.23
N GLY C 400 14.50 22.95 17.00
CA GLY C 400 15.23 22.31 18.06
C GLY C 400 16.66 22.02 17.65
N VAL C 401 17.50 21.86 18.67
CA VAL C 401 18.89 21.43 18.50
C VAL C 401 18.96 19.97 18.94
N PRO C 402 19.09 19.01 18.03
CA PRO C 402 19.05 17.60 18.42
C PRO C 402 20.16 17.26 19.41
N GLY C 403 19.79 16.50 20.44
CA GLY C 403 20.73 16.08 21.46
C GLY C 403 21.03 17.11 22.53
N SER C 404 20.53 18.33 22.41
CA SER C 404 20.80 19.36 23.41
C SER C 404 20.17 19.03 24.76
N HIS C 405 19.18 18.15 24.79
CA HIS C 405 18.57 17.74 26.06
C HIS C 405 19.50 16.86 26.87
N LEU C 406 20.53 16.28 26.26
CA LEU C 406 21.50 15.43 26.93
C LEU C 406 22.76 16.18 27.33
N LEU C 407 22.70 17.51 27.39
CA LEU C 407 23.79 18.35 27.82
C LEU C 407 23.68 18.63 29.31
N PRO C 408 24.79 19.06 29.96
CA PRO C 408 24.75 19.30 31.41
C PRO C 408 23.78 20.40 31.83
N ASP C 409 23.65 20.61 33.13
CA ASP C 409 22.69 21.59 33.64
C ASP C 409 23.12 23.00 33.32
N ASP C 410 24.33 23.38 33.70
CA ASP C 410 24.87 24.68 33.32
C ASP C 410 25.20 24.65 31.83
N ILE C 411 24.54 25.51 31.06
CA ILE C 411 24.67 25.51 29.61
C ILE C 411 24.88 26.94 29.12
N ASP C 412 25.38 27.05 27.89
CA ASP C 412 25.53 28.31 27.18
C ASP C 412 24.49 28.30 26.07
N VAL C 413 23.36 28.99 26.30
CA VAL C 413 22.23 28.90 25.36
C VAL C 413 22.58 29.46 23.98
N PRO C 414 23.21 30.64 23.85
CA PRO C 414 23.57 31.10 22.50
C PRO C 414 24.58 30.21 21.79
N GLU C 415 25.49 29.58 22.54
CA GLU C 415 26.46 28.69 21.90
C GLU C 415 25.77 27.49 21.27
N ILE C 416 24.88 26.84 22.01
CA ILE C 416 24.14 25.70 21.47
C ILE C 416 23.23 26.16 20.34
N ARG C 417 22.63 27.34 20.49
CA ARG C 417 21.73 27.86 19.45
C ARG C 417 22.46 28.07 18.14
N ASP C 418 23.46 28.95 18.13
CA ASP C 418 24.13 29.31 16.89
C ASP C 418 24.99 28.17 16.36
N GLY C 419 25.51 27.32 17.25
CA GLY C 419 26.27 26.16 16.80
C GLY C 419 25.46 25.26 15.89
N GLY C 420 24.28 24.87 16.35
CA GLY C 420 23.36 24.10 15.53
C GLY C 420 23.55 22.59 15.61
N PRO C 421 22.85 21.85 14.74
CA PRO C 421 21.90 22.42 13.77
C PRO C 421 20.56 22.82 14.39
N ARG C 422 19.95 23.85 13.82
CA ARG C 422 18.64 24.34 14.26
C ARG C 422 17.60 23.79 13.28
N VAL C 423 17.04 22.63 13.61
CA VAL C 423 16.18 21.89 12.70
C VAL C 423 14.72 22.20 13.02
N PRO C 424 13.89 22.50 12.03
CA PRO C 424 12.47 22.77 12.29
C PRO C 424 11.64 21.49 12.34
N VAL C 425 10.48 21.62 12.97
CA VAL C 425 9.54 20.52 13.14
C VAL C 425 8.25 20.85 12.42
N PRO C 426 8.09 20.48 11.15
CA PRO C 426 6.82 20.71 10.46
C PRO C 426 5.68 19.96 11.13
N SER C 427 4.47 20.52 11.04
CA SER C 427 3.32 19.93 11.72
C SER C 427 2.05 20.36 10.99
N LYS C 428 1.13 19.42 10.86
CA LYS C 428 -0.22 19.71 10.37
C LYS C 428 -1.18 19.82 11.54
N VAL C 429 -2.35 20.40 11.27
CA VAL C 429 -3.39 20.53 12.29
C VAL C 429 -3.85 19.15 12.74
N GLY C 430 -3.56 18.81 13.99
CA GLY C 430 -3.86 17.50 14.56
C GLY C 430 -2.64 16.78 15.07
N ASP C 431 -1.47 17.02 14.47
CA ASP C 431 -0.24 16.40 14.92
C ASP C 431 0.08 16.84 16.35
N VAL C 432 0.77 15.98 17.08
CA VAL C 432 1.17 16.24 18.46
C VAL C 432 2.69 16.13 18.54
N ILE C 433 3.34 17.23 18.94
CA ILE C 433 4.79 17.29 19.04
C ILE C 433 5.20 16.99 20.48
N VAL C 434 6.11 16.05 20.66
CA VAL C 434 6.61 15.67 21.98
C VAL C 434 8.08 16.04 22.05
N HIS C 435 8.48 16.75 23.10
CA HIS C 435 9.89 17.10 23.22
C HIS C 435 10.30 17.15 24.68
N ASP C 436 11.58 16.90 24.92
CA ASP C 436 12.11 16.89 26.28
C ASP C 436 12.23 18.31 26.81
N VAL C 437 12.05 18.45 28.13
CA VAL C 437 12.11 19.78 28.73
C VAL C 437 13.53 20.31 28.75
N ARG C 438 14.53 19.41 28.76
CA ARG C 438 15.92 19.83 28.70
C ARG C 438 16.34 20.28 27.31
N LEU C 439 15.51 20.06 26.30
CA LEU C 439 15.85 20.43 24.93
C LEU C 439 15.99 21.93 24.79
N VAL C 440 17.04 22.35 24.09
CA VAL C 440 17.20 23.76 23.73
C VAL C 440 16.37 24.00 22.47
N HIS C 441 15.31 24.77 22.61
CA HIS C 441 14.35 24.96 21.53
C HIS C 441 14.00 26.43 21.41
N GLY C 442 13.49 26.81 20.24
CA GLY C 442 13.12 28.17 19.99
C GLY C 442 12.29 28.28 18.74
N SER C 443 12.18 29.49 18.22
CA SER C 443 11.40 29.72 17.02
C SER C 443 11.74 31.08 16.43
N GLY C 444 11.38 31.26 15.17
CA GLY C 444 11.42 32.56 14.54
C GLY C 444 10.06 33.20 14.57
N PRO C 445 9.91 34.34 13.91
CA PRO C 445 8.62 35.03 13.89
C PRO C 445 7.72 34.55 12.75
N ASN C 446 6.45 34.87 12.88
CA ASN C 446 5.47 34.56 11.85
C ASN C 446 5.14 35.83 11.06
N PRO C 447 5.73 36.03 9.88
CA PRO C 447 5.43 37.24 9.08
C PRO C 447 4.36 37.05 8.02
N SER C 448 3.58 35.97 8.06
CA SER C 448 2.63 35.65 7.02
C SER C 448 1.21 35.92 7.50
N ASP C 449 0.23 35.49 6.71
CA ASP C 449 -1.17 35.74 6.99
C ASP C 449 -1.79 34.73 7.94
N GLN C 450 -1.20 33.54 8.07
CA GLN C 450 -1.79 32.49 8.88
C GLN C 450 -1.52 32.72 10.36
N TRP C 451 -2.48 32.28 11.19
CA TRP C 451 -2.25 32.15 12.61
C TRP C 451 -1.32 30.96 12.88
N ARG C 452 -1.02 30.74 14.15
CA ARG C 452 -0.30 29.52 14.53
C ARG C 452 -0.54 29.28 16.03
N ARG C 453 -1.59 28.53 16.34
CA ARG C 453 -2.01 28.27 17.71
C ARG C 453 -1.62 26.84 18.11
N THR C 454 -1.22 26.68 19.37
CA THR C 454 -0.78 25.37 19.85
C THR C 454 -1.07 25.22 21.33
N ILE C 455 -1.51 24.04 21.73
CA ILE C 455 -1.80 23.73 23.13
C ILE C 455 -0.64 22.94 23.70
N VAL C 456 0.01 23.49 24.73
CA VAL C 456 1.19 22.88 25.34
C VAL C 456 0.80 22.34 26.70
N ILE C 457 1.03 21.04 26.92
CA ILE C 457 0.76 20.40 28.19
C ILE C 457 2.02 19.66 28.63
N GLU C 458 2.39 19.81 29.90
CA GLU C 458 3.62 19.24 30.44
C GLU C 458 3.28 18.00 31.26
N PHE C 459 3.85 16.86 30.88
CA PHE C 459 3.64 15.60 31.57
C PHE C 459 4.94 15.16 32.24
N ALA C 460 4.83 14.71 33.49
CA ALA C 460 5.98 14.38 34.31
C ALA C 460 5.70 13.15 35.14
N ASN C 461 6.77 12.45 35.51
CA ASN C 461 6.68 11.34 36.44
C ASN C 461 6.42 11.87 37.84
N PRO C 462 5.45 11.33 38.58
CA PRO C 462 5.16 11.86 39.93
C PRO C 462 6.36 11.84 40.88
N ALA C 463 7.44 11.17 40.55
CA ALA C 463 8.65 11.21 41.35
C ALA C 463 9.45 12.47 41.04
#